data_1TIC
# 
_entry.id   1TIC 
# 
_audit_conform.dict_name       mmcif_pdbx.dic 
_audit_conform.dict_version    5.386 
_audit_conform.dict_location   http://mmcif.pdb.org/dictionaries/ascii/mmcif_pdbx.dic 
# 
loop_
_database_2.database_id 
_database_2.database_code 
_database_2.pdbx_database_accession 
_database_2.pdbx_DOI 
PDB   1TIC         pdb_00001tic 10.2210/pdb1tic/pdb 
WWPDB D_1000176696 ?            ?                   
# 
loop_
_pdbx_audit_revision_history.ordinal 
_pdbx_audit_revision_history.data_content_type 
_pdbx_audit_revision_history.major_revision 
_pdbx_audit_revision_history.minor_revision 
_pdbx_audit_revision_history.revision_date 
1 'Structure model' 1 0 1995-01-26 
2 'Structure model' 1 1 2008-03-24 
3 'Structure model' 1 2 2011-07-13 
4 'Structure model' 1 3 2016-11-09 
5 'Structure model' 1 4 2024-02-14 
# 
_pdbx_audit_revision_details.ordinal             1 
_pdbx_audit_revision_details.revision_ordinal    1 
_pdbx_audit_revision_details.data_content_type   'Structure model' 
_pdbx_audit_revision_details.provider            repository 
_pdbx_audit_revision_details.type                'Initial release' 
_pdbx_audit_revision_details.description         ? 
_pdbx_audit_revision_details.details             ? 
# 
loop_
_pdbx_audit_revision_group.ordinal 
_pdbx_audit_revision_group.revision_ordinal 
_pdbx_audit_revision_group.data_content_type 
_pdbx_audit_revision_group.group 
1 2 'Structure model' 'Version format compliance' 
2 3 'Structure model' 'Version format compliance' 
3 4 'Structure model' Other                       
4 5 'Structure model' 'Data collection'           
5 5 'Structure model' 'Database references'       
6 5 'Structure model' Other                       
# 
loop_
_pdbx_audit_revision_category.ordinal 
_pdbx_audit_revision_category.revision_ordinal 
_pdbx_audit_revision_category.data_content_type 
_pdbx_audit_revision_category.category 
1 5 'Structure model' chem_comp_atom       
2 5 'Structure model' chem_comp_bond       
3 5 'Structure model' database_2           
4 5 'Structure model' pdbx_database_status 
# 
loop_
_pdbx_audit_revision_item.ordinal 
_pdbx_audit_revision_item.revision_ordinal 
_pdbx_audit_revision_item.data_content_type 
_pdbx_audit_revision_item.item 
1 5 'Structure model' '_database_2.pdbx_DOI'                
2 5 'Structure model' '_database_2.pdbx_database_accession' 
3 5 'Structure model' '_pdbx_database_status.process_site'  
# 
_pdbx_database_status.status_code                     REL 
_pdbx_database_status.entry_id                        1TIC 
_pdbx_database_status.recvd_initial_deposition_date   1993-12-06 
_pdbx_database_status.deposit_site                    ? 
_pdbx_database_status.process_site                    BNL 
_pdbx_database_status.SG_entry                        . 
_pdbx_database_status.status_code_sf                  ? 
_pdbx_database_status.status_code_mr                  ? 
_pdbx_database_status.status_code_cs                  ? 
_pdbx_database_status.methods_development_category    ? 
_pdbx_database_status.pdb_format_compatible           Y 
_pdbx_database_status.status_code_nmr_data            ? 
# 
loop_
_audit_author.name 
_audit_author.pdbx_ordinal 
'Derewenda, U.'   1 
'Swenson, L.'     2 
'Green, R.'       3 
'Joerger, R.'     4 
'Haas, M.J.'      5 
'Derewenda, Z.S.' 6 
# 
loop_
_citation.id 
_citation.title 
_citation.journal_abbrev 
_citation.journal_volume 
_citation.page_first 
_citation.page_last 
_citation.year 
_citation.journal_id_ASTM 
_citation.country 
_citation.journal_id_ISSN 
_citation.journal_id_CSD 
_citation.book_publisher 
_citation.pdbx_database_id_PubMed 
_citation.pdbx_database_id_DOI 
primary 
;Conformational lability of lipases observed in the absence of an oil-water interface: crystallographic studies of enzymes from the fungi Humicola lanuginosa and Rhizopus delemar.
;
'J.Lipid Res.'   35 524 534 1994 JLPRAW US 0022-2275 0484 ? 8014587 ? 
1       'An Unusual Buried Polar Cluster in a Family of Fungal Lipases' Nat.Struct.Biol. 1  36  ?   1994 NSBIEW US 1072-8368 2024 
? ?       ? 
2       'Current Progress in Crystallographic Studies of New Lipases from Filamentous Fungi' 'Protein Eng.'   7  551 ?   1994 
PRENE9 UK 0269-2139 0859 ? ?       ? 
# 
loop_
_citation_author.citation_id 
_citation_author.name 
_citation_author.ordinal 
_citation_author.identifier_ORCID 
primary 'Derewenda, U.'   1  ? 
primary 'Swenson, L.'     2  ? 
primary 'Wei, Y.'         3  ? 
primary 'Green, R.'       4  ? 
primary 'Kobos, P.M.'     5  ? 
primary 'Joerger, R.'     6  ? 
primary 'Haas, M.J.'      7  ? 
primary 'Derewenda, Z.S.' 8  ? 
1       'Derewenda, U.'   9  ? 
1       'Swenson, L.'     10 ? 
1       'Green, R.'       11 ? 
1       'Wei, Y.'         12 ? 
1       'Dodson, G.G.'    13 ? 
1       'Yamaguchi, S.'   14 ? 
1       'Haas, M.J.'      15 ? 
1       'Derewenda, Z.S.' 16 ? 
2       'Derewenda, U.'   17 ? 
2       'Swenson, L.'     18 ? 
2       'Green, R.'       19 ? 
2       'Wei, Y.'         20 ? 
2       'Yamaguchi, S.'   21 ? 
2       'Joerger, R.'     22 ? 
2       'Haas, M.J.'      23 ? 
2       'Derewenda, Z.S.' 24 ? 
# 
_entity.id                         1 
_entity.type                       polymer 
_entity.src_method                 man 
_entity.pdbx_description           LIPASE 
_entity.formula_weight             29623.504 
_entity.pdbx_number_of_molecules   2 
_entity.pdbx_ec                    3.1.1.3 
_entity.pdbx_mutation              ? 
_entity.pdbx_fragment              ? 
_entity.details                    ? 
# 
_entity_poly.entity_id                      1 
_entity_poly.type                           'polypeptide(L)' 
_entity_poly.nstd_linkage                   no 
_entity_poly.nstd_monomer                   no 
_entity_poly.pdbx_seq_one_letter_code       
;SDGGKVVAATTAQIQEFTKYAGIAATAYCRSVVPGNKWDCVQCQKWVPDGKIITTFTSLLSDTNGYVLRSDKQKTIYLVF
RGTNSFRSAITDIVFNFSDYKPVKGAKVHAGFLSSYEQVVNDYFPVVQEQLTAHPTYKVIVTGHSLGGAQALLAGMDLYQ
REPRLSPKNLSIFTVGGPRVGNPTFAYYVESTGIPFQRTVHKRDIVPHVPPQSFGFLHPGVESWIKSGTSNVQICTSEIE
TKDCSNSIVPFTSILDHLSYFDINEGSCL
;
_entity_poly.pdbx_seq_one_letter_code_can   
;SDGGKVVAATTAQIQEFTKYAGIAATAYCRSVVPGNKWDCVQCQKWVPDGKIITTFTSLLSDTNGYVLRSDKQKTIYLVF
RGTNSFRSAITDIVFNFSDYKPVKGAKVHAGFLSSYEQVVNDYFPVVQEQLTAHPTYKVIVTGHSLGGAQALLAGMDLYQ
REPRLSPKNLSIFTVGGPRVGNPTFAYYVESTGIPFQRTVHKRDIVPHVPPQSFGFLHPGVESWIKSGTSNVQICTSEIE
TKDCSNSIVPFTSILDHLSYFDINEGSCL
;
_entity_poly.pdbx_strand_id                 A,B 
_entity_poly.pdbx_target_identifier         ? 
# 
loop_
_entity_poly_seq.entity_id 
_entity_poly_seq.num 
_entity_poly_seq.mon_id 
_entity_poly_seq.hetero 
1 1   SER n 
1 2   ASP n 
1 3   GLY n 
1 4   GLY n 
1 5   LYS n 
1 6   VAL n 
1 7   VAL n 
1 8   ALA n 
1 9   ALA n 
1 10  THR n 
1 11  THR n 
1 12  ALA n 
1 13  GLN n 
1 14  ILE n 
1 15  GLN n 
1 16  GLU n 
1 17  PHE n 
1 18  THR n 
1 19  LYS n 
1 20  TYR n 
1 21  ALA n 
1 22  GLY n 
1 23  ILE n 
1 24  ALA n 
1 25  ALA n 
1 26  THR n 
1 27  ALA n 
1 28  TYR n 
1 29  CYS n 
1 30  ARG n 
1 31  SER n 
1 32  VAL n 
1 33  VAL n 
1 34  PRO n 
1 35  GLY n 
1 36  ASN n 
1 37  LYS n 
1 38  TRP n 
1 39  ASP n 
1 40  CYS n 
1 41  VAL n 
1 42  GLN n 
1 43  CYS n 
1 44  GLN n 
1 45  LYS n 
1 46  TRP n 
1 47  VAL n 
1 48  PRO n 
1 49  ASP n 
1 50  GLY n 
1 51  LYS n 
1 52  ILE n 
1 53  ILE n 
1 54  THR n 
1 55  THR n 
1 56  PHE n 
1 57  THR n 
1 58  SER n 
1 59  LEU n 
1 60  LEU n 
1 61  SER n 
1 62  ASP n 
1 63  THR n 
1 64  ASN n 
1 65  GLY n 
1 66  TYR n 
1 67  VAL n 
1 68  LEU n 
1 69  ARG n 
1 70  SER n 
1 71  ASP n 
1 72  LYS n 
1 73  GLN n 
1 74  LYS n 
1 75  THR n 
1 76  ILE n 
1 77  TYR n 
1 78  LEU n 
1 79  VAL n 
1 80  PHE n 
1 81  ARG n 
1 82  GLY n 
1 83  THR n 
1 84  ASN n 
1 85  SER n 
1 86  PHE n 
1 87  ARG n 
1 88  SER n 
1 89  ALA n 
1 90  ILE n 
1 91  THR n 
1 92  ASP n 
1 93  ILE n 
1 94  VAL n 
1 95  PHE n 
1 96  ASN n 
1 97  PHE n 
1 98  SER n 
1 99  ASP n 
1 100 TYR n 
1 101 LYS n 
1 102 PRO n 
1 103 VAL n 
1 104 LYS n 
1 105 GLY n 
1 106 ALA n 
1 107 LYS n 
1 108 VAL n 
1 109 HIS n 
1 110 ALA n 
1 111 GLY n 
1 112 PHE n 
1 113 LEU n 
1 114 SER n 
1 115 SER n 
1 116 TYR n 
1 117 GLU n 
1 118 GLN n 
1 119 VAL n 
1 120 VAL n 
1 121 ASN n 
1 122 ASP n 
1 123 TYR n 
1 124 PHE n 
1 125 PRO n 
1 126 VAL n 
1 127 VAL n 
1 128 GLN n 
1 129 GLU n 
1 130 GLN n 
1 131 LEU n 
1 132 THR n 
1 133 ALA n 
1 134 HIS n 
1 135 PRO n 
1 136 THR n 
1 137 TYR n 
1 138 LYS n 
1 139 VAL n 
1 140 ILE n 
1 141 VAL n 
1 142 THR n 
1 143 GLY n 
1 144 HIS n 
1 145 SER n 
1 146 LEU n 
1 147 GLY n 
1 148 GLY n 
1 149 ALA n 
1 150 GLN n 
1 151 ALA n 
1 152 LEU n 
1 153 LEU n 
1 154 ALA n 
1 155 GLY n 
1 156 MET n 
1 157 ASP n 
1 158 LEU n 
1 159 TYR n 
1 160 GLN n 
1 161 ARG n 
1 162 GLU n 
1 163 PRO n 
1 164 ARG n 
1 165 LEU n 
1 166 SER n 
1 167 PRO n 
1 168 LYS n 
1 169 ASN n 
1 170 LEU n 
1 171 SER n 
1 172 ILE n 
1 173 PHE n 
1 174 THR n 
1 175 VAL n 
1 176 GLY n 
1 177 GLY n 
1 178 PRO n 
1 179 ARG n 
1 180 VAL n 
1 181 GLY n 
1 182 ASN n 
1 183 PRO n 
1 184 THR n 
1 185 PHE n 
1 186 ALA n 
1 187 TYR n 
1 188 TYR n 
1 189 VAL n 
1 190 GLU n 
1 191 SER n 
1 192 THR n 
1 193 GLY n 
1 194 ILE n 
1 195 PRO n 
1 196 PHE n 
1 197 GLN n 
1 198 ARG n 
1 199 THR n 
1 200 VAL n 
1 201 HIS n 
1 202 LYS n 
1 203 ARG n 
1 204 ASP n 
1 205 ILE n 
1 206 VAL n 
1 207 PRO n 
1 208 HIS n 
1 209 VAL n 
1 210 PRO n 
1 211 PRO n 
1 212 GLN n 
1 213 SER n 
1 214 PHE n 
1 215 GLY n 
1 216 PHE n 
1 217 LEU n 
1 218 HIS n 
1 219 PRO n 
1 220 GLY n 
1 221 VAL n 
1 222 GLU n 
1 223 SER n 
1 224 TRP n 
1 225 ILE n 
1 226 LYS n 
1 227 SER n 
1 228 GLY n 
1 229 THR n 
1 230 SER n 
1 231 ASN n 
1 232 VAL n 
1 233 GLN n 
1 234 ILE n 
1 235 CYS n 
1 236 THR n 
1 237 SER n 
1 238 GLU n 
1 239 ILE n 
1 240 GLU n 
1 241 THR n 
1 242 LYS n 
1 243 ASP n 
1 244 CYS n 
1 245 SER n 
1 246 ASN n 
1 247 SER n 
1 248 ILE n 
1 249 VAL n 
1 250 PRO n 
1 251 PHE n 
1 252 THR n 
1 253 SER n 
1 254 ILE n 
1 255 LEU n 
1 256 ASP n 
1 257 HIS n 
1 258 LEU n 
1 259 SER n 
1 260 TYR n 
1 261 PHE n 
1 262 ASP n 
1 263 ILE n 
1 264 ASN n 
1 265 GLU n 
1 266 GLY n 
1 267 SER n 
1 268 CYS n 
1 269 LEU n 
# 
_entity_src_gen.entity_id                          1 
_entity_src_gen.pdbx_src_id                        1 
_entity_src_gen.pdbx_alt_source_flag               sample 
_entity_src_gen.pdbx_seq_type                      ? 
_entity_src_gen.pdbx_beg_seq_num                   ? 
_entity_src_gen.pdbx_end_seq_num                   ? 
_entity_src_gen.gene_src_common_name               ? 
_entity_src_gen.gene_src_genus                     Rhizopus 
_entity_src_gen.pdbx_gene_src_gene                 ? 
_entity_src_gen.gene_src_species                   ? 
_entity_src_gen.gene_src_strain                    ? 
_entity_src_gen.gene_src_tissue                    ? 
_entity_src_gen.gene_src_tissue_fraction           ? 
_entity_src_gen.gene_src_details                   ? 
_entity_src_gen.pdbx_gene_src_fragment             ? 
_entity_src_gen.pdbx_gene_src_scientific_name      'Rhizopus oryzae' 
_entity_src_gen.pdbx_gene_src_ncbi_taxonomy_id     64495 
_entity_src_gen.pdbx_gene_src_variant              ? 
_entity_src_gen.pdbx_gene_src_cell_line            ? 
_entity_src_gen.pdbx_gene_src_atcc                 ? 
_entity_src_gen.pdbx_gene_src_organ                ? 
_entity_src_gen.pdbx_gene_src_organelle            ? 
_entity_src_gen.pdbx_gene_src_cell                 ? 
_entity_src_gen.pdbx_gene_src_cellular_location    ? 
_entity_src_gen.host_org_common_name               ? 
_entity_src_gen.pdbx_host_org_scientific_name      ? 
_entity_src_gen.pdbx_host_org_ncbi_taxonomy_id     ? 
_entity_src_gen.host_org_genus                     ? 
_entity_src_gen.pdbx_host_org_gene                 ? 
_entity_src_gen.pdbx_host_org_organ                ? 
_entity_src_gen.host_org_species                   ? 
_entity_src_gen.pdbx_host_org_tissue               ? 
_entity_src_gen.pdbx_host_org_tissue_fraction      ? 
_entity_src_gen.pdbx_host_org_strain               ? 
_entity_src_gen.pdbx_host_org_variant              ? 
_entity_src_gen.pdbx_host_org_cell_line            ? 
_entity_src_gen.pdbx_host_org_atcc                 ? 
_entity_src_gen.pdbx_host_org_culture_collection   ? 
_entity_src_gen.pdbx_host_org_cell                 ? 
_entity_src_gen.pdbx_host_org_organelle            ? 
_entity_src_gen.pdbx_host_org_cellular_location    ? 
_entity_src_gen.pdbx_host_org_vector_type          ? 
_entity_src_gen.pdbx_host_org_vector               ? 
_entity_src_gen.host_org_details                   ? 
_entity_src_gen.expression_system_id               ? 
_entity_src_gen.plasmid_name                       ? 
_entity_src_gen.plasmid_details                    ? 
_entity_src_gen.pdbx_description                   ? 
# 
loop_
_chem_comp.id 
_chem_comp.type 
_chem_comp.mon_nstd_flag 
_chem_comp.name 
_chem_comp.pdbx_synonyms 
_chem_comp.formula 
_chem_comp.formula_weight 
ALA 'L-peptide linking' y ALANINE         ? 'C3 H7 N O2'     89.093  
ARG 'L-peptide linking' y ARGININE        ? 'C6 H15 N4 O2 1' 175.209 
ASN 'L-peptide linking' y ASPARAGINE      ? 'C4 H8 N2 O3'    132.118 
ASP 'L-peptide linking' y 'ASPARTIC ACID' ? 'C4 H7 N O4'     133.103 
CYS 'L-peptide linking' y CYSTEINE        ? 'C3 H7 N O2 S'   121.158 
GLN 'L-peptide linking' y GLUTAMINE       ? 'C5 H10 N2 O3'   146.144 
GLU 'L-peptide linking' y 'GLUTAMIC ACID' ? 'C5 H9 N O4'     147.129 
GLY 'peptide linking'   y GLYCINE         ? 'C2 H5 N O2'     75.067  
HIS 'L-peptide linking' y HISTIDINE       ? 'C6 H10 N3 O2 1' 156.162 
ILE 'L-peptide linking' y ISOLEUCINE      ? 'C6 H13 N O2'    131.173 
LEU 'L-peptide linking' y LEUCINE         ? 'C6 H13 N O2'    131.173 
LYS 'L-peptide linking' y LYSINE          ? 'C6 H15 N2 O2 1' 147.195 
MET 'L-peptide linking' y METHIONINE      ? 'C5 H11 N O2 S'  149.211 
PHE 'L-peptide linking' y PHENYLALANINE   ? 'C9 H11 N O2'    165.189 
PRO 'L-peptide linking' y PROLINE         ? 'C5 H9 N O2'     115.130 
SER 'L-peptide linking' y SERINE          ? 'C3 H7 N O3'     105.093 
THR 'L-peptide linking' y THREONINE       ? 'C4 H9 N O3'     119.119 
TRP 'L-peptide linking' y TRYPTOPHAN      ? 'C11 H12 N2 O2'  204.225 
TYR 'L-peptide linking' y TYROSINE        ? 'C9 H11 N O3'    181.189 
VAL 'L-peptide linking' y VALINE          ? 'C5 H11 N O2'    117.146 
# 
loop_
_pdbx_poly_seq_scheme.asym_id 
_pdbx_poly_seq_scheme.entity_id 
_pdbx_poly_seq_scheme.seq_id 
_pdbx_poly_seq_scheme.mon_id 
_pdbx_poly_seq_scheme.ndb_seq_num 
_pdbx_poly_seq_scheme.pdb_seq_num 
_pdbx_poly_seq_scheme.auth_seq_num 
_pdbx_poly_seq_scheme.pdb_mon_id 
_pdbx_poly_seq_scheme.auth_mon_id 
_pdbx_poly_seq_scheme.pdb_strand_id 
_pdbx_poly_seq_scheme.pdb_ins_code 
_pdbx_poly_seq_scheme.hetero 
A 1 1   SER 1   1   ?   ?   ?   A . n 
A 1 2   ASP 2   2   ?   ?   ?   A . n 
A 1 3   GLY 3   3   ?   ?   ?   A . n 
A 1 4   GLY 4   4   ?   ?   ?   A . n 
A 1 5   LYS 5   5   5   LYS LYS A . n 
A 1 6   VAL 6   6   6   VAL VAL A . n 
A 1 7   VAL 7   7   7   VAL VAL A . n 
A 1 8   ALA 8   8   8   ALA ALA A . n 
A 1 9   ALA 9   9   9   ALA ALA A . n 
A 1 10  THR 10  10  10  THR THR A . n 
A 1 11  THR 11  11  11  THR THR A . n 
A 1 12  ALA 12  12  12  ALA ALA A . n 
A 1 13  GLN 13  13  13  GLN GLN A . n 
A 1 14  ILE 14  14  14  ILE ILE A . n 
A 1 15  GLN 15  15  15  GLN GLN A . n 
A 1 16  GLU 16  16  16  GLU GLU A . n 
A 1 17  PHE 17  17  17  PHE PHE A . n 
A 1 18  THR 18  18  18  THR THR A . n 
A 1 19  LYS 19  19  19  LYS LYS A . n 
A 1 20  TYR 20  20  20  TYR TYR A . n 
A 1 21  ALA 21  21  21  ALA ALA A . n 
A 1 22  GLY 22  22  22  GLY GLY A . n 
A 1 23  ILE 23  23  23  ILE ILE A . n 
A 1 24  ALA 24  24  24  ALA ALA A . n 
A 1 25  ALA 25  25  25  ALA ALA A . n 
A 1 26  THR 26  26  26  THR THR A . n 
A 1 27  ALA 27  27  27  ALA ALA A . n 
A 1 28  TYR 28  28  28  TYR TYR A . n 
A 1 29  CYS 29  29  29  CYS CYS A . n 
A 1 30  ARG 30  30  30  ARG ARG A . n 
A 1 31  SER 31  31  31  SER SER A . n 
A 1 32  VAL 32  32  32  VAL VAL A . n 
A 1 33  VAL 33  33  33  VAL VAL A . n 
A 1 34  PRO 34  34  34  PRO PRO A . n 
A 1 35  GLY 35  35  35  GLY GLY A . n 
A 1 36  ASN 36  36  36  ASN ASN A . n 
A 1 37  LYS 37  37  37  LYS LYS A . n 
A 1 38  TRP 38  38  38  TRP TRP A . n 
A 1 39  ASP 39  39  39  ASP ASP A . n 
A 1 40  CYS 40  40  40  CYS CYS A . n 
A 1 41  VAL 41  41  41  VAL VAL A . n 
A 1 42  GLN 42  42  42  GLN GLN A . n 
A 1 43  CYS 43  43  43  CYS CYS A . n 
A 1 44  GLN 44  44  44  GLN GLN A . n 
A 1 45  LYS 45  45  45  LYS LYS A . n 
A 1 46  TRP 46  46  46  TRP TRP A . n 
A 1 47  VAL 47  47  47  VAL VAL A . n 
A 1 48  PRO 48  48  48  PRO PRO A . n 
A 1 49  ASP 49  49  49  ASP ASP A . n 
A 1 50  GLY 50  50  50  GLY GLY A . n 
A 1 51  LYS 51  51  51  LYS LYS A . n 
A 1 52  ILE 52  52  52  ILE ILE A . n 
A 1 53  ILE 53  53  53  ILE ILE A . n 
A 1 54  THR 54  54  54  THR THR A . n 
A 1 55  THR 55  55  55  THR THR A . n 
A 1 56  PHE 56  56  56  PHE PHE A . n 
A 1 57  THR 57  57  57  THR THR A . n 
A 1 58  SER 58  58  58  SER SER A . n 
A 1 59  LEU 59  59  59  LEU LEU A . n 
A 1 60  LEU 60  60  60  LEU LEU A . n 
A 1 61  SER 61  61  61  SER SER A . n 
A 1 62  ASP 62  62  62  ASP ASP A . n 
A 1 63  THR 63  63  63  THR THR A . n 
A 1 64  ASN 64  64  64  ASN ASN A . n 
A 1 65  GLY 65  65  65  GLY GLY A . n 
A 1 66  TYR 66  66  66  TYR TYR A . n 
A 1 67  VAL 67  67  67  VAL VAL A . n 
A 1 68  LEU 68  68  68  LEU LEU A . n 
A 1 69  ARG 69  69  69  ARG ARG A . n 
A 1 70  SER 70  70  70  SER SER A . n 
A 1 71  ASP 71  71  71  ASP ASP A . n 
A 1 72  LYS 72  72  72  LYS LYS A . n 
A 1 73  GLN 73  73  73  GLN GLN A . n 
A 1 74  LYS 74  74  74  LYS LYS A . n 
A 1 75  THR 75  75  75  THR THR A . n 
A 1 76  ILE 76  76  76  ILE ILE A . n 
A 1 77  TYR 77  77  77  TYR TYR A . n 
A 1 78  LEU 78  78  78  LEU LEU A . n 
A 1 79  VAL 79  79  79  VAL VAL A . n 
A 1 80  PHE 80  80  80  PHE PHE A . n 
A 1 81  ARG 81  81  81  ARG ARG A . n 
A 1 82  GLY 82  82  82  GLY GLY A . n 
A 1 83  THR 83  83  83  THR THR A . n 
A 1 84  ASN 84  84  84  ASN ASN A . n 
A 1 85  SER 85  85  85  SER SER A . n 
A 1 86  PHE 86  86  86  PHE PHE A . n 
A 1 87  ARG 87  87  87  ARG ARG A . n 
A 1 88  SER 88  88  88  SER SER A . n 
A 1 89  ALA 89  89  89  ALA ALA A . n 
A 1 90  ILE 90  90  90  ILE ILE A . n 
A 1 91  THR 91  91  91  THR THR A . n 
A 1 92  ASP 92  92  92  ASP ASP A . n 
A 1 93  ILE 93  93  93  ILE ILE A . n 
A 1 94  VAL 94  94  94  VAL VAL A . n 
A 1 95  PHE 95  95  95  PHE PHE A . n 
A 1 96  ASN 96  96  96  ASN ASN A . n 
A 1 97  PHE 97  97  97  PHE PHE A . n 
A 1 98  SER 98  98  98  SER SER A . n 
A 1 99  ASP 99  99  99  ASP ASP A . n 
A 1 100 TYR 100 100 100 TYR TYR A . n 
A 1 101 LYS 101 101 101 LYS LYS A . n 
A 1 102 PRO 102 102 102 PRO PRO A . n 
A 1 103 VAL 103 103 103 VAL VAL A . n 
A 1 104 LYS 104 104 104 LYS LYS A . n 
A 1 105 GLY 105 105 105 GLY GLY A . n 
A 1 106 ALA 106 106 106 ALA ALA A . n 
A 1 107 LYS 107 107 107 LYS LYS A . n 
A 1 108 VAL 108 108 108 VAL VAL A . n 
A 1 109 HIS 109 109 109 HIS HIS A . n 
A 1 110 ALA 110 110 110 ALA ALA A . n 
A 1 111 GLY 111 111 111 GLY GLY A . n 
A 1 112 PHE 112 112 112 PHE PHE A . n 
A 1 113 LEU 113 113 113 LEU LEU A . n 
A 1 114 SER 114 114 114 SER SER A . n 
A 1 115 SER 115 115 115 SER SER A . n 
A 1 116 TYR 116 116 116 TYR TYR A . n 
A 1 117 GLU 117 117 117 GLU GLU A . n 
A 1 118 GLN 118 118 118 GLN GLN A . n 
A 1 119 VAL 119 119 119 VAL VAL A . n 
A 1 120 VAL 120 120 120 VAL VAL A . n 
A 1 121 ASN 121 121 121 ASN ASN A . n 
A 1 122 ASP 122 122 122 ASP ASP A . n 
A 1 123 TYR 123 123 123 TYR TYR A . n 
A 1 124 PHE 124 124 124 PHE PHE A . n 
A 1 125 PRO 125 125 125 PRO PRO A . n 
A 1 126 VAL 126 126 126 VAL VAL A . n 
A 1 127 VAL 127 127 127 VAL VAL A . n 
A 1 128 GLN 128 128 128 GLN GLN A . n 
A 1 129 GLU 129 129 129 GLU GLU A . n 
A 1 130 GLN 130 130 130 GLN GLN A . n 
A 1 131 LEU 131 131 131 LEU LEU A . n 
A 1 132 THR 132 132 132 THR THR A . n 
A 1 133 ALA 133 133 133 ALA ALA A . n 
A 1 134 HIS 134 134 134 HIS HIS A . n 
A 1 135 PRO 135 135 135 PRO PRO A . n 
A 1 136 THR 136 136 136 THR THR A . n 
A 1 137 TYR 137 137 137 TYR TYR A . n 
A 1 138 LYS 138 138 138 LYS LYS A . n 
A 1 139 VAL 139 139 139 VAL VAL A . n 
A 1 140 ILE 140 140 140 ILE ILE A . n 
A 1 141 VAL 141 141 141 VAL VAL A . n 
A 1 142 THR 142 142 142 THR THR A . n 
A 1 143 GLY 143 143 143 GLY GLY A . n 
A 1 144 HIS 144 144 144 HIS HIS A . n 
A 1 145 SER 145 145 145 SER SER A . n 
A 1 146 LEU 146 146 146 LEU LEU A . n 
A 1 147 GLY 147 147 147 GLY GLY A . n 
A 1 148 GLY 148 148 148 GLY GLY A . n 
A 1 149 ALA 149 149 149 ALA ALA A . n 
A 1 150 GLN 150 150 150 GLN GLN A . n 
A 1 151 ALA 151 151 151 ALA ALA A . n 
A 1 152 LEU 152 152 152 LEU LEU A . n 
A 1 153 LEU 153 153 153 LEU LEU A . n 
A 1 154 ALA 154 154 154 ALA ALA A . n 
A 1 155 GLY 155 155 155 GLY GLY A . n 
A 1 156 MET 156 156 156 MET MET A . n 
A 1 157 ASP 157 157 157 ASP ASP A . n 
A 1 158 LEU 158 158 158 LEU LEU A . n 
A 1 159 TYR 159 159 159 TYR TYR A . n 
A 1 160 GLN 160 160 160 GLN GLN A . n 
A 1 161 ARG 161 161 161 ARG ARG A . n 
A 1 162 GLU 162 162 162 GLU GLU A . n 
A 1 163 PRO 163 163 163 PRO PRO A . n 
A 1 164 ARG 164 164 164 ARG ARG A . n 
A 1 165 LEU 165 165 165 LEU LEU A . n 
A 1 166 SER 166 166 166 SER SER A . n 
A 1 167 PRO 167 167 167 PRO PRO A . n 
A 1 168 LYS 168 168 168 LYS LYS A . n 
A 1 169 ASN 169 169 169 ASN ASN A . n 
A 1 170 LEU 170 170 170 LEU LEU A . n 
A 1 171 SER 171 171 171 SER SER A . n 
A 1 172 ILE 172 172 172 ILE ILE A . n 
A 1 173 PHE 173 173 173 PHE PHE A . n 
A 1 174 THR 174 174 174 THR THR A . n 
A 1 175 VAL 175 175 175 VAL VAL A . n 
A 1 176 GLY 176 176 176 GLY GLY A . n 
A 1 177 GLY 177 177 177 GLY GLY A . n 
A 1 178 PRO 178 178 178 PRO PRO A . n 
A 1 179 ARG 179 179 179 ARG ARG A . n 
A 1 180 VAL 180 180 180 VAL VAL A . n 
A 1 181 GLY 181 181 181 GLY GLY A . n 
A 1 182 ASN 182 182 182 ASN ASN A . n 
A 1 183 PRO 183 183 183 PRO PRO A . n 
A 1 184 THR 184 184 184 THR THR A . n 
A 1 185 PHE 185 185 185 PHE PHE A . n 
A 1 186 ALA 186 186 186 ALA ALA A . n 
A 1 187 TYR 187 187 187 TYR TYR A . n 
A 1 188 TYR 188 188 188 TYR TYR A . n 
A 1 189 VAL 189 189 189 VAL VAL A . n 
A 1 190 GLU 190 190 190 GLU GLU A . n 
A 1 191 SER 191 191 191 SER SER A . n 
A 1 192 THR 192 192 192 THR THR A . n 
A 1 193 GLY 193 193 193 GLY GLY A . n 
A 1 194 ILE 194 194 194 ILE ILE A . n 
A 1 195 PRO 195 195 195 PRO PRO A . n 
A 1 196 PHE 196 196 196 PHE PHE A . n 
A 1 197 GLN 197 197 197 GLN GLN A . n 
A 1 198 ARG 198 198 198 ARG ARG A . n 
A 1 199 THR 199 199 199 THR THR A . n 
A 1 200 VAL 200 200 200 VAL VAL A . n 
A 1 201 HIS 201 201 201 HIS HIS A . n 
A 1 202 LYS 202 202 202 LYS LYS A . n 
A 1 203 ARG 203 203 203 ARG ARG A . n 
A 1 204 ASP 204 204 204 ASP ASP A . n 
A 1 205 ILE 205 205 205 ILE ILE A . n 
A 1 206 VAL 206 206 206 VAL VAL A . n 
A 1 207 PRO 207 207 207 PRO PRO A . n 
A 1 208 HIS 208 208 208 HIS HIS A . n 
A 1 209 VAL 209 209 209 VAL VAL A . n 
A 1 210 PRO 210 210 210 PRO PRO A . n 
A 1 211 PRO 211 211 211 PRO PRO A . n 
A 1 212 GLN 212 212 212 GLN GLN A . n 
A 1 213 SER 213 213 213 SER SER A . n 
A 1 214 PHE 214 214 214 PHE PHE A . n 
A 1 215 GLY 215 215 215 GLY GLY A . n 
A 1 216 PHE 216 216 216 PHE PHE A . n 
A 1 217 LEU 217 217 217 LEU LEU A . n 
A 1 218 HIS 218 218 218 HIS HIS A . n 
A 1 219 PRO 219 219 219 PRO PRO A . n 
A 1 220 GLY 220 220 220 GLY GLY A . n 
A 1 221 VAL 221 221 221 VAL VAL A . n 
A 1 222 GLU 222 222 222 GLU GLU A . n 
A 1 223 SER 223 223 223 SER SER A . n 
A 1 224 TRP 224 224 224 TRP TRP A . n 
A 1 225 ILE 225 225 225 ILE ILE A . n 
A 1 226 LYS 226 226 226 LYS LYS A . n 
A 1 227 SER 227 227 227 SER SER A . n 
A 1 228 GLY 228 228 228 GLY GLY A . n 
A 1 229 THR 229 229 229 THR THR A . n 
A 1 230 SER 230 230 230 SER SER A . n 
A 1 231 ASN 231 231 231 ASN ASN A . n 
A 1 232 VAL 232 232 232 VAL VAL A . n 
A 1 233 GLN 233 233 233 GLN GLN A . n 
A 1 234 ILE 234 234 234 ILE ILE A . n 
A 1 235 CYS 235 235 235 CYS CYS A . n 
A 1 236 THR 236 236 236 THR THR A . n 
A 1 237 SER 237 237 237 SER SER A . n 
A 1 238 GLU 238 238 238 GLU GLU A . n 
A 1 239 ILE 239 239 239 ILE ILE A . n 
A 1 240 GLU 240 240 240 GLU GLU A . n 
A 1 241 THR 241 241 241 THR THR A . n 
A 1 242 LYS 242 242 242 LYS LYS A . n 
A 1 243 ASP 243 243 243 ASP ASP A . n 
A 1 244 CYS 244 244 244 CYS CYS A . n 
A 1 245 SER 245 245 245 SER SER A . n 
A 1 246 ASN 246 246 246 ASN ASN A . n 
A 1 247 SER 247 247 247 SER SER A . n 
A 1 248 ILE 248 248 248 ILE ILE A . n 
A 1 249 VAL 249 249 249 VAL VAL A . n 
A 1 250 PRO 250 250 250 PRO PRO A . n 
A 1 251 PHE 251 251 251 PHE PHE A . n 
A 1 252 THR 252 252 252 THR THR A . n 
A 1 253 SER 253 253 253 SER SER A . n 
A 1 254 ILE 254 254 254 ILE ILE A . n 
A 1 255 LEU 255 255 255 LEU LEU A . n 
A 1 256 ASP 256 256 256 ASP ASP A . n 
A 1 257 HIS 257 257 257 HIS HIS A . n 
A 1 258 LEU 258 258 258 LEU LEU A . n 
A 1 259 SER 259 259 259 SER SER A . n 
A 1 260 TYR 260 260 260 TYR TYR A . n 
A 1 261 PHE 261 261 261 PHE PHE A . n 
A 1 262 ASP 262 262 262 ASP ASP A . n 
A 1 263 ILE 263 263 263 ILE ILE A . n 
A 1 264 ASN 264 264 264 ASN ASN A . n 
A 1 265 GLU 265 265 265 GLU GLU A . n 
A 1 266 GLY 266 266 266 GLY GLY A . n 
A 1 267 SER 267 267 267 SER SER A . n 
A 1 268 CYS 268 268 268 CYS CYS A . n 
A 1 269 LEU 269 269 269 LEU LEU A . n 
B 1 1   SER 1   1   1   SER SER B . n 
B 1 2   ASP 2   2   2   ASP ASP B . n 
B 1 3   GLY 3   3   3   GLY GLY B . n 
B 1 4   GLY 4   4   4   GLY GLY B . n 
B 1 5   LYS 5   5   5   LYS LYS B . n 
B 1 6   VAL 6   6   6   VAL VAL B . n 
B 1 7   VAL 7   7   7   VAL VAL B . n 
B 1 8   ALA 8   8   8   ALA ALA B . n 
B 1 9   ALA 9   9   9   ALA ALA B . n 
B 1 10  THR 10  10  10  THR THR B . n 
B 1 11  THR 11  11  11  THR THR B . n 
B 1 12  ALA 12  12  12  ALA ALA B . n 
B 1 13  GLN 13  13  13  GLN GLN B . n 
B 1 14  ILE 14  14  14  ILE ILE B . n 
B 1 15  GLN 15  15  15  GLN GLN B . n 
B 1 16  GLU 16  16  16  GLU GLU B . n 
B 1 17  PHE 17  17  17  PHE PHE B . n 
B 1 18  THR 18  18  18  THR THR B . n 
B 1 19  LYS 19  19  19  LYS LYS B . n 
B 1 20  TYR 20  20  20  TYR TYR B . n 
B 1 21  ALA 21  21  21  ALA ALA B . n 
B 1 22  GLY 22  22  22  GLY GLY B . n 
B 1 23  ILE 23  23  23  ILE ILE B . n 
B 1 24  ALA 24  24  24  ALA ALA B . n 
B 1 25  ALA 25  25  25  ALA ALA B . n 
B 1 26  THR 26  26  26  THR THR B . n 
B 1 27  ALA 27  27  27  ALA ALA B . n 
B 1 28  TYR 28  28  28  TYR TYR B . n 
B 1 29  CYS 29  29  29  CYS CYS B . n 
B 1 30  ARG 30  30  30  ARG ARG B . n 
B 1 31  SER 31  31  31  SER SER B . n 
B 1 32  VAL 32  32  32  VAL VAL B . n 
B 1 33  VAL 33  33  33  VAL VAL B . n 
B 1 34  PRO 34  34  34  PRO PRO B . n 
B 1 35  GLY 35  35  35  GLY GLY B . n 
B 1 36  ASN 36  36  36  ASN ASN B . n 
B 1 37  LYS 37  37  37  LYS LYS B . n 
B 1 38  TRP 38  38  38  TRP TRP B . n 
B 1 39  ASP 39  39  39  ASP ASP B . n 
B 1 40  CYS 40  40  40  CYS CYS B . n 
B 1 41  VAL 41  41  41  VAL VAL B . n 
B 1 42  GLN 42  42  42  GLN GLN B . n 
B 1 43  CYS 43  43  43  CYS CYS B . n 
B 1 44  GLN 44  44  44  GLN GLN B . n 
B 1 45  LYS 45  45  45  LYS LYS B . n 
B 1 46  TRP 46  46  46  TRP TRP B . n 
B 1 47  VAL 47  47  47  VAL VAL B . n 
B 1 48  PRO 48  48  48  PRO PRO B . n 
B 1 49  ASP 49  49  49  ASP ASP B . n 
B 1 50  GLY 50  50  50  GLY GLY B . n 
B 1 51  LYS 51  51  51  LYS LYS B . n 
B 1 52  ILE 52  52  52  ILE ILE B . n 
B 1 53  ILE 53  53  53  ILE ILE B . n 
B 1 54  THR 54  54  54  THR THR B . n 
B 1 55  THR 55  55  55  THR THR B . n 
B 1 56  PHE 56  56  56  PHE PHE B . n 
B 1 57  THR 57  57  57  THR THR B . n 
B 1 58  SER 58  58  58  SER SER B . n 
B 1 59  LEU 59  59  59  LEU LEU B . n 
B 1 60  LEU 60  60  60  LEU LEU B . n 
B 1 61  SER 61  61  61  SER SER B . n 
B 1 62  ASP 62  62  62  ASP ASP B . n 
B 1 63  THR 63  63  63  THR THR B . n 
B 1 64  ASN 64  64  64  ASN ASN B . n 
B 1 65  GLY 65  65  65  GLY GLY B . n 
B 1 66  TYR 66  66  66  TYR TYR B . n 
B 1 67  VAL 67  67  67  VAL VAL B . n 
B 1 68  LEU 68  68  68  LEU LEU B . n 
B 1 69  ARG 69  69  69  ARG ARG B . n 
B 1 70  SER 70  70  70  SER SER B . n 
B 1 71  ASP 71  71  71  ASP ASP B . n 
B 1 72  LYS 72  72  72  LYS LYS B . n 
B 1 73  GLN 73  73  73  GLN GLN B . n 
B 1 74  LYS 74  74  74  LYS LYS B . n 
B 1 75  THR 75  75  75  THR THR B . n 
B 1 76  ILE 76  76  76  ILE ILE B . n 
B 1 77  TYR 77  77  77  TYR TYR B . n 
B 1 78  LEU 78  78  78  LEU LEU B . n 
B 1 79  VAL 79  79  79  VAL VAL B . n 
B 1 80  PHE 80  80  80  PHE PHE B . n 
B 1 81  ARG 81  81  81  ARG ARG B . n 
B 1 82  GLY 82  82  82  GLY GLY B . n 
B 1 83  THR 83  83  83  THR THR B . n 
B 1 84  ASN 84  84  84  ASN ASN B . n 
B 1 85  SER 85  85  85  SER SER B . n 
B 1 86  PHE 86  86  86  PHE PHE B . n 
B 1 87  ARG 87  87  87  ARG ARG B . n 
B 1 88  SER 88  88  88  SER SER B . n 
B 1 89  ALA 89  89  89  ALA ALA B . n 
B 1 90  ILE 90  90  90  ILE ILE B . n 
B 1 91  THR 91  91  91  THR THR B . n 
B 1 92  ASP 92  92  92  ASP ASP B . n 
B 1 93  ILE 93  93  93  ILE ILE B . n 
B 1 94  VAL 94  94  94  VAL VAL B . n 
B 1 95  PHE 95  95  95  PHE PHE B . n 
B 1 96  ASN 96  96  96  ASN ASN B . n 
B 1 97  PHE 97  97  97  PHE PHE B . n 
B 1 98  SER 98  98  98  SER SER B . n 
B 1 99  ASP 99  99  99  ASP ASP B . n 
B 1 100 TYR 100 100 100 TYR TYR B . n 
B 1 101 LYS 101 101 101 LYS LYS B . n 
B 1 102 PRO 102 102 102 PRO PRO B . n 
B 1 103 VAL 103 103 103 VAL VAL B . n 
B 1 104 LYS 104 104 104 LYS LYS B . n 
B 1 105 GLY 105 105 105 GLY GLY B . n 
B 1 106 ALA 106 106 106 ALA ALA B . n 
B 1 107 LYS 107 107 107 LYS LYS B . n 
B 1 108 VAL 108 108 108 VAL VAL B . n 
B 1 109 HIS 109 109 109 HIS HIS B . n 
B 1 110 ALA 110 110 110 ALA ALA B . n 
B 1 111 GLY 111 111 111 GLY GLY B . n 
B 1 112 PHE 112 112 112 PHE PHE B . n 
B 1 113 LEU 113 113 113 LEU LEU B . n 
B 1 114 SER 114 114 114 SER SER B . n 
B 1 115 SER 115 115 115 SER SER B . n 
B 1 116 TYR 116 116 116 TYR TYR B . n 
B 1 117 GLU 117 117 117 GLU GLU B . n 
B 1 118 GLN 118 118 118 GLN GLN B . n 
B 1 119 VAL 119 119 119 VAL VAL B . n 
B 1 120 VAL 120 120 120 VAL VAL B . n 
B 1 121 ASN 121 121 121 ASN ASN B . n 
B 1 122 ASP 122 122 122 ASP ASP B . n 
B 1 123 TYR 123 123 123 TYR TYR B . n 
B 1 124 PHE 124 124 124 PHE PHE B . n 
B 1 125 PRO 125 125 125 PRO PRO B . n 
B 1 126 VAL 126 126 126 VAL VAL B . n 
B 1 127 VAL 127 127 127 VAL VAL B . n 
B 1 128 GLN 128 128 128 GLN GLN B . n 
B 1 129 GLU 129 129 129 GLU GLU B . n 
B 1 130 GLN 130 130 130 GLN GLN B . n 
B 1 131 LEU 131 131 131 LEU LEU B . n 
B 1 132 THR 132 132 132 THR THR B . n 
B 1 133 ALA 133 133 133 ALA ALA B . n 
B 1 134 HIS 134 134 134 HIS HIS B . n 
B 1 135 PRO 135 135 135 PRO PRO B . n 
B 1 136 THR 136 136 136 THR THR B . n 
B 1 137 TYR 137 137 137 TYR TYR B . n 
B 1 138 LYS 138 138 138 LYS LYS B . n 
B 1 139 VAL 139 139 139 VAL VAL B . n 
B 1 140 ILE 140 140 140 ILE ILE B . n 
B 1 141 VAL 141 141 141 VAL VAL B . n 
B 1 142 THR 142 142 142 THR THR B . n 
B 1 143 GLY 143 143 143 GLY GLY B . n 
B 1 144 HIS 144 144 144 HIS HIS B . n 
B 1 145 SER 145 145 145 SER SER B . n 
B 1 146 LEU 146 146 146 LEU LEU B . n 
B 1 147 GLY 147 147 147 GLY GLY B . n 
B 1 148 GLY 148 148 148 GLY GLY B . n 
B 1 149 ALA 149 149 149 ALA ALA B . n 
B 1 150 GLN 150 150 150 GLN GLN B . n 
B 1 151 ALA 151 151 151 ALA ALA B . n 
B 1 152 LEU 152 152 152 LEU LEU B . n 
B 1 153 LEU 153 153 153 LEU LEU B . n 
B 1 154 ALA 154 154 154 ALA ALA B . n 
B 1 155 GLY 155 155 155 GLY GLY B . n 
B 1 156 MET 156 156 156 MET MET B . n 
B 1 157 ASP 157 157 157 ASP ASP B . n 
B 1 158 LEU 158 158 158 LEU LEU B . n 
B 1 159 TYR 159 159 159 TYR TYR B . n 
B 1 160 GLN 160 160 160 GLN GLN B . n 
B 1 161 ARG 161 161 161 ARG ARG B . n 
B 1 162 GLU 162 162 162 GLU GLU B . n 
B 1 163 PRO 163 163 163 PRO PRO B . n 
B 1 164 ARG 164 164 164 ARG ARG B . n 
B 1 165 LEU 165 165 165 LEU LEU B . n 
B 1 166 SER 166 166 166 SER SER B . n 
B 1 167 PRO 167 167 167 PRO PRO B . n 
B 1 168 LYS 168 168 168 LYS LYS B . n 
B 1 169 ASN 169 169 169 ASN ASN B . n 
B 1 170 LEU 170 170 170 LEU LEU B . n 
B 1 171 SER 171 171 171 SER SER B . n 
B 1 172 ILE 172 172 172 ILE ILE B . n 
B 1 173 PHE 173 173 173 PHE PHE B . n 
B 1 174 THR 174 174 174 THR THR B . n 
B 1 175 VAL 175 175 175 VAL VAL B . n 
B 1 176 GLY 176 176 176 GLY GLY B . n 
B 1 177 GLY 177 177 177 GLY GLY B . n 
B 1 178 PRO 178 178 178 PRO PRO B . n 
B 1 179 ARG 179 179 179 ARG ARG B . n 
B 1 180 VAL 180 180 180 VAL VAL B . n 
B 1 181 GLY 181 181 181 GLY GLY B . n 
B 1 182 ASN 182 182 182 ASN ASN B . n 
B 1 183 PRO 183 183 183 PRO PRO B . n 
B 1 184 THR 184 184 184 THR THR B . n 
B 1 185 PHE 185 185 185 PHE PHE B . n 
B 1 186 ALA 186 186 186 ALA ALA B . n 
B 1 187 TYR 187 187 187 TYR TYR B . n 
B 1 188 TYR 188 188 188 TYR TYR B . n 
B 1 189 VAL 189 189 189 VAL VAL B . n 
B 1 190 GLU 190 190 190 GLU GLU B . n 
B 1 191 SER 191 191 191 SER SER B . n 
B 1 192 THR 192 192 192 THR THR B . n 
B 1 193 GLY 193 193 193 GLY GLY B . n 
B 1 194 ILE 194 194 194 ILE ILE B . n 
B 1 195 PRO 195 195 195 PRO PRO B . n 
B 1 196 PHE 196 196 196 PHE PHE B . n 
B 1 197 GLN 197 197 197 GLN GLN B . n 
B 1 198 ARG 198 198 198 ARG ARG B . n 
B 1 199 THR 199 199 199 THR THR B . n 
B 1 200 VAL 200 200 200 VAL VAL B . n 
B 1 201 HIS 201 201 201 HIS HIS B . n 
B 1 202 LYS 202 202 202 LYS LYS B . n 
B 1 203 ARG 203 203 203 ARG ARG B . n 
B 1 204 ASP 204 204 204 ASP ASP B . n 
B 1 205 ILE 205 205 205 ILE ILE B . n 
B 1 206 VAL 206 206 206 VAL VAL B . n 
B 1 207 PRO 207 207 207 PRO PRO B . n 
B 1 208 HIS 208 208 208 HIS HIS B . n 
B 1 209 VAL 209 209 209 VAL VAL B . n 
B 1 210 PRO 210 210 210 PRO PRO B . n 
B 1 211 PRO 211 211 211 PRO PRO B . n 
B 1 212 GLN 212 212 212 GLN GLN B . n 
B 1 213 SER 213 213 213 SER SER B . n 
B 1 214 PHE 214 214 214 PHE PHE B . n 
B 1 215 GLY 215 215 215 GLY GLY B . n 
B 1 216 PHE 216 216 216 PHE PHE B . n 
B 1 217 LEU 217 217 217 LEU LEU B . n 
B 1 218 HIS 218 218 218 HIS HIS B . n 
B 1 219 PRO 219 219 219 PRO PRO B . n 
B 1 220 GLY 220 220 220 GLY GLY B . n 
B 1 221 VAL 221 221 221 VAL VAL B . n 
B 1 222 GLU 222 222 222 GLU GLU B . n 
B 1 223 SER 223 223 223 SER SER B . n 
B 1 224 TRP 224 224 224 TRP TRP B . n 
B 1 225 ILE 225 225 225 ILE ILE B . n 
B 1 226 LYS 226 226 226 LYS LYS B . n 
B 1 227 SER 227 227 227 SER SER B . n 
B 1 228 GLY 228 228 228 GLY GLY B . n 
B 1 229 THR 229 229 229 THR THR B . n 
B 1 230 SER 230 230 230 SER SER B . n 
B 1 231 ASN 231 231 231 ASN ASN B . n 
B 1 232 VAL 232 232 232 VAL VAL B . n 
B 1 233 GLN 233 233 233 GLN GLN B . n 
B 1 234 ILE 234 234 234 ILE ILE B . n 
B 1 235 CYS 235 235 235 CYS CYS B . n 
B 1 236 THR 236 236 236 THR THR B . n 
B 1 237 SER 237 237 237 SER SER B . n 
B 1 238 GLU 238 238 238 GLU GLU B . n 
B 1 239 ILE 239 239 239 ILE ILE B . n 
B 1 240 GLU 240 240 240 GLU GLU B . n 
B 1 241 THR 241 241 241 THR THR B . n 
B 1 242 LYS 242 242 242 LYS LYS B . n 
B 1 243 ASP 243 243 243 ASP ASP B . n 
B 1 244 CYS 244 244 244 CYS CYS B . n 
B 1 245 SER 245 245 245 SER SER B . n 
B 1 246 ASN 246 246 246 ASN ASN B . n 
B 1 247 SER 247 247 247 SER SER B . n 
B 1 248 ILE 248 248 248 ILE ILE B . n 
B 1 249 VAL 249 249 249 VAL VAL B . n 
B 1 250 PRO 250 250 250 PRO PRO B . n 
B 1 251 PHE 251 251 251 PHE PHE B . n 
B 1 252 THR 252 252 252 THR THR B . n 
B 1 253 SER 253 253 253 SER SER B . n 
B 1 254 ILE 254 254 254 ILE ILE B . n 
B 1 255 LEU 255 255 255 LEU LEU B . n 
B 1 256 ASP 256 256 256 ASP ASP B . n 
B 1 257 HIS 257 257 257 HIS HIS B . n 
B 1 258 LEU 258 258 258 LEU LEU B . n 
B 1 259 SER 259 259 259 SER SER B . n 
B 1 260 TYR 260 260 260 TYR TYR B . n 
B 1 261 PHE 261 261 261 PHE PHE B . n 
B 1 262 ASP 262 262 262 ASP ASP B . n 
B 1 263 ILE 263 263 263 ILE ILE B . n 
B 1 264 ASN 264 264 264 ASN ASN B . n 
B 1 265 GLU 265 265 265 GLU GLU B . n 
B 1 266 GLY 266 266 266 GLY GLY B . n 
B 1 267 SER 267 267 267 SER SER B . n 
B 1 268 CYS 268 268 268 CYS CYS B . n 
B 1 269 LEU 269 269 269 LEU LEU B . n 
# 
_software.name             PROLSQ 
_software.classification   refinement 
_software.version          . 
_software.citation_id      ? 
_software.pdbx_ordinal     1 
# 
_cell.entry_id           1TIC 
_cell.length_a           92.770 
_cell.length_b           128.860 
_cell.length_c           78.350 
_cell.angle_alpha        90.00 
_cell.angle_beta         135.82 
_cell.angle_gamma        90.00 
_cell.Z_PDB              8 
_cell.pdbx_unique_axis   ? 
_cell.length_a_esd       ? 
_cell.length_b_esd       ? 
_cell.length_c_esd       ? 
_cell.angle_alpha_esd    ? 
_cell.angle_beta_esd     ? 
_cell.angle_gamma_esd    ? 
# 
_symmetry.entry_id                         1TIC 
_symmetry.space_group_name_H-M             'C 1 21 1' 
_symmetry.pdbx_full_space_group_name_H-M   ? 
_symmetry.cell_setting                     ? 
_symmetry.Int_Tables_number                5 
_symmetry.space_group_name_Hall            ? 
# 
_exptl.entry_id          1TIC 
_exptl.method            'X-RAY DIFFRACTION' 
_exptl.crystals_number   ? 
# 
_exptl_crystal.id                    1 
_exptl_crystal.density_meas          ? 
_exptl_crystal.density_Matthews      2.75 
_exptl_crystal.density_percent_sol   55.32 
_exptl_crystal.description           ? 
_exptl_crystal.F_000                 ? 
_exptl_crystal.preparation           ? 
# 
_diffrn.id                     1 
_diffrn.crystal_id             1 
_diffrn.ambient_temp           ? 
_diffrn.ambient_temp_details   ? 
# 
_diffrn_radiation.diffrn_id                        1 
_diffrn_radiation.wavelength_id                    1 
_diffrn_radiation.monochromator                    ? 
_diffrn_radiation.pdbx_monochromatic_or_laue_m_l   ? 
_diffrn_radiation.pdbx_diffrn_protocol             ? 
_diffrn_radiation.pdbx_scattering_type             x-ray 
# 
_diffrn_radiation_wavelength.id           1 
_diffrn_radiation_wavelength.wavelength   . 
_diffrn_radiation_wavelength.wt           1.0 
# 
_refine.entry_id                                 1TIC 
_refine.ls_number_reflns_obs                     16876 
_refine.ls_number_reflns_all                     ? 
_refine.pdbx_ls_sigma_I                          ? 
_refine.pdbx_ls_sigma_F                          0.0 
_refine.pdbx_data_cutoff_high_absF               ? 
_refine.pdbx_data_cutoff_low_absF                ? 
_refine.pdbx_data_cutoff_high_rms_absF           ? 
_refine.ls_d_res_low                             7.5 
_refine.ls_d_res_high                            2.6 
_refine.ls_percent_reflns_obs                    ? 
_refine.ls_R_factor_obs                          0.1600000 
_refine.ls_R_factor_all                          ? 
_refine.ls_R_factor_R_work                       ? 
_refine.ls_R_factor_R_free                       ? 
_refine.ls_R_factor_R_free_error                 ? 
_refine.ls_R_factor_R_free_error_details         ? 
_refine.ls_percent_reflns_R_free                 ? 
_refine.ls_number_reflns_R_free                  ? 
_refine.ls_number_parameters                     ? 
_refine.ls_number_restraints                     ? 
_refine.occupancy_min                            ? 
_refine.occupancy_max                            ? 
_refine.B_iso_mean                               ? 
_refine.aniso_B[1][1]                            ? 
_refine.aniso_B[2][2]                            ? 
_refine.aniso_B[3][3]                            ? 
_refine.aniso_B[1][2]                            ? 
_refine.aniso_B[1][3]                            ? 
_refine.aniso_B[2][3]                            ? 
_refine.solvent_model_details                    ? 
_refine.solvent_model_param_ksol                 ? 
_refine.solvent_model_param_bsol                 ? 
_refine.pdbx_ls_cross_valid_method               ? 
_refine.details                                  ? 
_refine.pdbx_starting_model                      ? 
_refine.pdbx_method_to_determine_struct          ? 
_refine.pdbx_isotropic_thermal_model             ? 
_refine.pdbx_stereochemistry_target_values       ? 
_refine.pdbx_stereochem_target_val_spec_case     ? 
_refine.pdbx_R_Free_selection_details            ? 
_refine.pdbx_overall_ESU_R                       ? 
_refine.pdbx_overall_ESU_R_Free                  ? 
_refine.overall_SU_ML                            ? 
_refine.overall_SU_B                             ? 
_refine.pdbx_refine_id                           'X-RAY DIFFRACTION' 
_refine.pdbx_diffrn_id                           1 
_refine.ls_redundancy_reflns_obs                 ? 
_refine.pdbx_overall_phase_error                 ? 
_refine.B_iso_min                                ? 
_refine.B_iso_max                                ? 
_refine.correlation_coeff_Fo_to_Fc               ? 
_refine.correlation_coeff_Fo_to_Fc_free          ? 
_refine.pdbx_solvent_vdw_probe_radii             ? 
_refine.pdbx_solvent_ion_probe_radii             ? 
_refine.pdbx_solvent_shrinkage_radii             ? 
_refine.overall_SU_R_Cruickshank_DPI             ? 
_refine.overall_SU_R_free                        ? 
_refine.ls_wR_factor_R_free                      ? 
_refine.ls_wR_factor_R_work                      ? 
_refine.overall_FOM_free_R_set                   ? 
_refine.overall_FOM_work_R_set                   ? 
_refine.pdbx_TLS_residual_ADP_flag               ? 
_refine.pdbx_overall_SU_R_free_Cruickshank_DPI   ? 
_refine.pdbx_overall_SU_R_Blow_DPI               ? 
_refine.pdbx_overall_SU_R_free_Blow_DPI          ? 
# 
_refine_hist.pdbx_refine_id                   'X-RAY DIFFRACTION' 
_refine_hist.cycle_id                         LAST 
_refine_hist.pdbx_number_atoms_protein        534 
_refine_hist.pdbx_number_atoms_nucleic_acid   0 
_refine_hist.pdbx_number_atoms_ligand         0 
_refine_hist.number_atoms_solvent             0 
_refine_hist.number_atoms_total               534 
_refine_hist.d_res_high                       2.6 
_refine_hist.d_res_low                        7.5 
# 
loop_
_refine_ls_restr.type 
_refine_ls_restr.dev_ideal 
_refine_ls_restr.dev_ideal_target 
_refine_ls_restr.weight 
_refine_ls_restr.number 
_refine_ls_restr.pdbx_refine_id 
_refine_ls_restr.pdbx_restraint_function 
p_bond_d            0.016  0.016 ? ? 'X-RAY DIFFRACTION' ? 
p_angle_d           0.056  0.056 ? ? 'X-RAY DIFFRACTION' ? 
p_angle_deg         ?      ?     ? ? 'X-RAY DIFFRACTION' ? 
p_planar_d          0.104  0.104 ? ? 'X-RAY DIFFRACTION' ? 
p_hb_or_metal_coord ?      ?     ? ? 'X-RAY DIFFRACTION' ? 
p_mcbond_it         1.633  2.000 ? ? 'X-RAY DIFFRACTION' ? 
p_mcangle_it        2.572  2.500 ? ? 'X-RAY DIFFRACTION' ? 
p_scbond_it         2.967  2.500 ? ? 'X-RAY DIFFRACTION' ? 
p_scangle_it        4.558  4.000 ? ? 'X-RAY DIFFRACTION' ? 
p_plane_restr       0.025  0.025 ? ? 'X-RAY DIFFRACTION' ? 
p_chiral_restr      0.061  0.061 ? ? 'X-RAY DIFFRACTION' ? 
p_singtor_nbd       0.186  0.186 ? ? 'X-RAY DIFFRACTION' ? 
p_multtor_nbd       0.231  0.231 ? ? 'X-RAY DIFFRACTION' ? 
p_xhyhbond_nbd      0.179  0.179 ? ? 'X-RAY DIFFRACTION' ? 
p_xyhbond_nbd       ?      ?     ? ? 'X-RAY DIFFRACTION' ? 
p_planar_tor        2.944  5.000 ? ? 'X-RAY DIFFRACTION' ? 
p_staggered_tor     20.933 15.00 ? ? 'X-RAY DIFFRACTION' ? 
p_orthonormal_tor   30.960 25.00 ? ? 'X-RAY DIFFRACTION' ? 
p_transverse_tor    ?      ?     ? ? 'X-RAY DIFFRACTION' ? 
p_special_tor       ?      ?     ? ? 'X-RAY DIFFRACTION' ? 
# 
_struct.entry_id                  1TIC 
_struct.title                     
;CONFORMATIONAL LABILITY OF LIPASES OBSERVED IN THE ABSENCE OF AN OIL-WATER INTERFACE: CRYSTALLOGRAPHIC STUDIES OF ENZYMES FROM THE FUNGI HUMICOLA LANUGINOSA AND RHIZOPUS DELEMAR
;
_struct.pdbx_model_details        ? 
_struct.pdbx_CASP_flag            ? 
_struct.pdbx_model_type_details   ? 
# 
_struct_keywords.entry_id        1TIC 
_struct_keywords.pdbx_keywords   HYDROLASE 
_struct_keywords.text            'HYDROLASE(CARBOXYLIC ESTERASE), HYDROLASE' 
# 
loop_
_struct_asym.id 
_struct_asym.pdbx_blank_PDB_chainid_flag 
_struct_asym.pdbx_modified 
_struct_asym.entity_id 
_struct_asym.details 
A N N 1 ? 
B N N 1 ? 
# 
_struct_ref.id                         1 
_struct_ref.db_name                    UNP 
_struct_ref.db_code                    LIP_RHIOR 
_struct_ref.entity_id                  1 
_struct_ref.pdbx_db_accession          P61872 
_struct_ref.pdbx_align_begin           1 
_struct_ref.pdbx_seq_one_letter_code   
;MVSFISISQGVSLCLLVSSMMLGSSAVPVSGKSGSSNTAVSASDNAALPPLISSRCAPPSNKGSKSDLQAEPYNMQKNTE
WYESHGGNLTSIGKRDDNLVGGMTLDLPSDAPPISLSSSTNSASDGGKVVAATTAQIQEFTKYAGIAATAYCRSVVPGNK
WDCVQCQKWVPDGKIITTFTSLLSDTNGYVLRSDKQKTIYLVFRGTNSFRSAITDIVFNFSDYKPVKGAKVHAGFLSSYE
QVVNDYFPVVQEQLTAHPTYKVIVTGHSLGGAQALLAGMDLYQREPRLSPKNLSIFTVGGPRVGNPTFAYYVESTGIPFQ
RTVHKRDIVPHVPPQSFGFLHPGVESWIKSGTSNVQICTSEIETKDCSNSIVPFTSILDHLSYFDINEGSCL
;
_struct_ref.pdbx_db_isoform            ? 
# 
loop_
_struct_ref_seq.align_id 
_struct_ref_seq.ref_id 
_struct_ref_seq.pdbx_PDB_id_code 
_struct_ref_seq.pdbx_strand_id 
_struct_ref_seq.seq_align_beg 
_struct_ref_seq.pdbx_seq_align_beg_ins_code 
_struct_ref_seq.seq_align_end 
_struct_ref_seq.pdbx_seq_align_end_ins_code 
_struct_ref_seq.pdbx_db_accession 
_struct_ref_seq.db_align_beg 
_struct_ref_seq.pdbx_db_align_beg_ins_code 
_struct_ref_seq.db_align_end 
_struct_ref_seq.pdbx_db_align_end_ins_code 
_struct_ref_seq.pdbx_auth_seq_align_beg 
_struct_ref_seq.pdbx_auth_seq_align_end 
1 1 1TIC A 1 ? 269 ? P61872 124 ? 392 ? 1 269 
2 1 1TIC B 1 ? 269 ? P61872 124 ? 392 ? 1 269 
# 
loop_
_pdbx_struct_assembly.id 
_pdbx_struct_assembly.details 
_pdbx_struct_assembly.method_details 
_pdbx_struct_assembly.oligomeric_details 
_pdbx_struct_assembly.oligomeric_count 
1 author_defined_assembly ? monomeric 1 
2 author_defined_assembly ? monomeric 1 
# 
loop_
_pdbx_struct_assembly_gen.assembly_id 
_pdbx_struct_assembly_gen.oper_expression 
_pdbx_struct_assembly_gen.asym_id_list 
1 1 A 
2 1 B 
# 
_pdbx_struct_oper_list.id                   1 
_pdbx_struct_oper_list.type                 'identity operation' 
_pdbx_struct_oper_list.name                 1_555 
_pdbx_struct_oper_list.symmetry_operation   x,y,z 
_pdbx_struct_oper_list.matrix[1][1]         1.0000000000 
_pdbx_struct_oper_list.matrix[1][2]         0.0000000000 
_pdbx_struct_oper_list.matrix[1][3]         0.0000000000 
_pdbx_struct_oper_list.vector[1]            0.0000000000 
_pdbx_struct_oper_list.matrix[2][1]         0.0000000000 
_pdbx_struct_oper_list.matrix[2][2]         1.0000000000 
_pdbx_struct_oper_list.matrix[2][3]         0.0000000000 
_pdbx_struct_oper_list.vector[2]            0.0000000000 
_pdbx_struct_oper_list.matrix[3][1]         0.0000000000 
_pdbx_struct_oper_list.matrix[3][2]         0.0000000000 
_pdbx_struct_oper_list.matrix[3][3]         1.0000000000 
_pdbx_struct_oper_list.vector[3]            0.0000000000 
# 
loop_
_struct_biol.id 
_struct_biol.details 
1 ? 
2 ? 
# 
loop_
_pdbx_unobs_or_zero_occ_residues.id 
_pdbx_unobs_or_zero_occ_residues.PDB_model_num 
_pdbx_unobs_or_zero_occ_residues.polymer_flag 
_pdbx_unobs_or_zero_occ_residues.occupancy_flag 
_pdbx_unobs_or_zero_occ_residues.auth_asym_id 
_pdbx_unobs_or_zero_occ_residues.auth_comp_id 
_pdbx_unobs_or_zero_occ_residues.auth_seq_id 
_pdbx_unobs_or_zero_occ_residues.PDB_ins_code 
_pdbx_unobs_or_zero_occ_residues.label_asym_id 
_pdbx_unobs_or_zero_occ_residues.label_comp_id 
_pdbx_unobs_or_zero_occ_residues.label_seq_id 
1 1 Y 1 A SER 1 ? A SER 1 
2 1 Y 1 A ASP 2 ? A ASP 2 
3 1 Y 1 A GLY 3 ? A GLY 3 
4 1 Y 1 A GLY 4 ? A GLY 4 
# 
loop_
_chem_comp_atom.comp_id 
_chem_comp_atom.atom_id 
_chem_comp_atom.type_symbol 
_chem_comp_atom.pdbx_aromatic_flag 
_chem_comp_atom.pdbx_stereo_config 
_chem_comp_atom.pdbx_ordinal 
ALA N    N N N 1   
ALA CA   C N S 2   
ALA C    C N N 3   
ALA O    O N N 4   
ALA CB   C N N 5   
ALA OXT  O N N 6   
ALA H    H N N 7   
ALA H2   H N N 8   
ALA HA   H N N 9   
ALA HB1  H N N 10  
ALA HB2  H N N 11  
ALA HB3  H N N 12  
ALA HXT  H N N 13  
ARG N    N N N 14  
ARG CA   C N S 15  
ARG C    C N N 16  
ARG O    O N N 17  
ARG CB   C N N 18  
ARG CG   C N N 19  
ARG CD   C N N 20  
ARG NE   N N N 21  
ARG CZ   C N N 22  
ARG NH1  N N N 23  
ARG NH2  N N N 24  
ARG OXT  O N N 25  
ARG H    H N N 26  
ARG H2   H N N 27  
ARG HA   H N N 28  
ARG HB2  H N N 29  
ARG HB3  H N N 30  
ARG HG2  H N N 31  
ARG HG3  H N N 32  
ARG HD2  H N N 33  
ARG HD3  H N N 34  
ARG HE   H N N 35  
ARG HH11 H N N 36  
ARG HH12 H N N 37  
ARG HH21 H N N 38  
ARG HH22 H N N 39  
ARG HXT  H N N 40  
ASN N    N N N 41  
ASN CA   C N S 42  
ASN C    C N N 43  
ASN O    O N N 44  
ASN CB   C N N 45  
ASN CG   C N N 46  
ASN OD1  O N N 47  
ASN ND2  N N N 48  
ASN OXT  O N N 49  
ASN H    H N N 50  
ASN H2   H N N 51  
ASN HA   H N N 52  
ASN HB2  H N N 53  
ASN HB3  H N N 54  
ASN HD21 H N N 55  
ASN HD22 H N N 56  
ASN HXT  H N N 57  
ASP N    N N N 58  
ASP CA   C N S 59  
ASP C    C N N 60  
ASP O    O N N 61  
ASP CB   C N N 62  
ASP CG   C N N 63  
ASP OD1  O N N 64  
ASP OD2  O N N 65  
ASP OXT  O N N 66  
ASP H    H N N 67  
ASP H2   H N N 68  
ASP HA   H N N 69  
ASP HB2  H N N 70  
ASP HB3  H N N 71  
ASP HD2  H N N 72  
ASP HXT  H N N 73  
CYS N    N N N 74  
CYS CA   C N R 75  
CYS C    C N N 76  
CYS O    O N N 77  
CYS CB   C N N 78  
CYS SG   S N N 79  
CYS OXT  O N N 80  
CYS H    H N N 81  
CYS H2   H N N 82  
CYS HA   H N N 83  
CYS HB2  H N N 84  
CYS HB3  H N N 85  
CYS HG   H N N 86  
CYS HXT  H N N 87  
GLN N    N N N 88  
GLN CA   C N S 89  
GLN C    C N N 90  
GLN O    O N N 91  
GLN CB   C N N 92  
GLN CG   C N N 93  
GLN CD   C N N 94  
GLN OE1  O N N 95  
GLN NE2  N N N 96  
GLN OXT  O N N 97  
GLN H    H N N 98  
GLN H2   H N N 99  
GLN HA   H N N 100 
GLN HB2  H N N 101 
GLN HB3  H N N 102 
GLN HG2  H N N 103 
GLN HG3  H N N 104 
GLN HE21 H N N 105 
GLN HE22 H N N 106 
GLN HXT  H N N 107 
GLU N    N N N 108 
GLU CA   C N S 109 
GLU C    C N N 110 
GLU O    O N N 111 
GLU CB   C N N 112 
GLU CG   C N N 113 
GLU CD   C N N 114 
GLU OE1  O N N 115 
GLU OE2  O N N 116 
GLU OXT  O N N 117 
GLU H    H N N 118 
GLU H2   H N N 119 
GLU HA   H N N 120 
GLU HB2  H N N 121 
GLU HB3  H N N 122 
GLU HG2  H N N 123 
GLU HG3  H N N 124 
GLU HE2  H N N 125 
GLU HXT  H N N 126 
GLY N    N N N 127 
GLY CA   C N N 128 
GLY C    C N N 129 
GLY O    O N N 130 
GLY OXT  O N N 131 
GLY H    H N N 132 
GLY H2   H N N 133 
GLY HA2  H N N 134 
GLY HA3  H N N 135 
GLY HXT  H N N 136 
HIS N    N N N 137 
HIS CA   C N S 138 
HIS C    C N N 139 
HIS O    O N N 140 
HIS CB   C N N 141 
HIS CG   C Y N 142 
HIS ND1  N Y N 143 
HIS CD2  C Y N 144 
HIS CE1  C Y N 145 
HIS NE2  N Y N 146 
HIS OXT  O N N 147 
HIS H    H N N 148 
HIS H2   H N N 149 
HIS HA   H N N 150 
HIS HB2  H N N 151 
HIS HB3  H N N 152 
HIS HD1  H N N 153 
HIS HD2  H N N 154 
HIS HE1  H N N 155 
HIS HE2  H N N 156 
HIS HXT  H N N 157 
ILE N    N N N 158 
ILE CA   C N S 159 
ILE C    C N N 160 
ILE O    O N N 161 
ILE CB   C N S 162 
ILE CG1  C N N 163 
ILE CG2  C N N 164 
ILE CD1  C N N 165 
ILE OXT  O N N 166 
ILE H    H N N 167 
ILE H2   H N N 168 
ILE HA   H N N 169 
ILE HB   H N N 170 
ILE HG12 H N N 171 
ILE HG13 H N N 172 
ILE HG21 H N N 173 
ILE HG22 H N N 174 
ILE HG23 H N N 175 
ILE HD11 H N N 176 
ILE HD12 H N N 177 
ILE HD13 H N N 178 
ILE HXT  H N N 179 
LEU N    N N N 180 
LEU CA   C N S 181 
LEU C    C N N 182 
LEU O    O N N 183 
LEU CB   C N N 184 
LEU CG   C N N 185 
LEU CD1  C N N 186 
LEU CD2  C N N 187 
LEU OXT  O N N 188 
LEU H    H N N 189 
LEU H2   H N N 190 
LEU HA   H N N 191 
LEU HB2  H N N 192 
LEU HB3  H N N 193 
LEU HG   H N N 194 
LEU HD11 H N N 195 
LEU HD12 H N N 196 
LEU HD13 H N N 197 
LEU HD21 H N N 198 
LEU HD22 H N N 199 
LEU HD23 H N N 200 
LEU HXT  H N N 201 
LYS N    N N N 202 
LYS CA   C N S 203 
LYS C    C N N 204 
LYS O    O N N 205 
LYS CB   C N N 206 
LYS CG   C N N 207 
LYS CD   C N N 208 
LYS CE   C N N 209 
LYS NZ   N N N 210 
LYS OXT  O N N 211 
LYS H    H N N 212 
LYS H2   H N N 213 
LYS HA   H N N 214 
LYS HB2  H N N 215 
LYS HB3  H N N 216 
LYS HG2  H N N 217 
LYS HG3  H N N 218 
LYS HD2  H N N 219 
LYS HD3  H N N 220 
LYS HE2  H N N 221 
LYS HE3  H N N 222 
LYS HZ1  H N N 223 
LYS HZ2  H N N 224 
LYS HZ3  H N N 225 
LYS HXT  H N N 226 
MET N    N N N 227 
MET CA   C N S 228 
MET C    C N N 229 
MET O    O N N 230 
MET CB   C N N 231 
MET CG   C N N 232 
MET SD   S N N 233 
MET CE   C N N 234 
MET OXT  O N N 235 
MET H    H N N 236 
MET H2   H N N 237 
MET HA   H N N 238 
MET HB2  H N N 239 
MET HB3  H N N 240 
MET HG2  H N N 241 
MET HG3  H N N 242 
MET HE1  H N N 243 
MET HE2  H N N 244 
MET HE3  H N N 245 
MET HXT  H N N 246 
PHE N    N N N 247 
PHE CA   C N S 248 
PHE C    C N N 249 
PHE O    O N N 250 
PHE CB   C N N 251 
PHE CG   C Y N 252 
PHE CD1  C Y N 253 
PHE CD2  C Y N 254 
PHE CE1  C Y N 255 
PHE CE2  C Y N 256 
PHE CZ   C Y N 257 
PHE OXT  O N N 258 
PHE H    H N N 259 
PHE H2   H N N 260 
PHE HA   H N N 261 
PHE HB2  H N N 262 
PHE HB3  H N N 263 
PHE HD1  H N N 264 
PHE HD2  H N N 265 
PHE HE1  H N N 266 
PHE HE2  H N N 267 
PHE HZ   H N N 268 
PHE HXT  H N N 269 
PRO N    N N N 270 
PRO CA   C N S 271 
PRO C    C N N 272 
PRO O    O N N 273 
PRO CB   C N N 274 
PRO CG   C N N 275 
PRO CD   C N N 276 
PRO OXT  O N N 277 
PRO H    H N N 278 
PRO HA   H N N 279 
PRO HB2  H N N 280 
PRO HB3  H N N 281 
PRO HG2  H N N 282 
PRO HG3  H N N 283 
PRO HD2  H N N 284 
PRO HD3  H N N 285 
PRO HXT  H N N 286 
SER N    N N N 287 
SER CA   C N S 288 
SER C    C N N 289 
SER O    O N N 290 
SER CB   C N N 291 
SER OG   O N N 292 
SER OXT  O N N 293 
SER H    H N N 294 
SER H2   H N N 295 
SER HA   H N N 296 
SER HB2  H N N 297 
SER HB3  H N N 298 
SER HG   H N N 299 
SER HXT  H N N 300 
THR N    N N N 301 
THR CA   C N S 302 
THR C    C N N 303 
THR O    O N N 304 
THR CB   C N R 305 
THR OG1  O N N 306 
THR CG2  C N N 307 
THR OXT  O N N 308 
THR H    H N N 309 
THR H2   H N N 310 
THR HA   H N N 311 
THR HB   H N N 312 
THR HG1  H N N 313 
THR HG21 H N N 314 
THR HG22 H N N 315 
THR HG23 H N N 316 
THR HXT  H N N 317 
TRP N    N N N 318 
TRP CA   C N S 319 
TRP C    C N N 320 
TRP O    O N N 321 
TRP CB   C N N 322 
TRP CG   C Y N 323 
TRP CD1  C Y N 324 
TRP CD2  C Y N 325 
TRP NE1  N Y N 326 
TRP CE2  C Y N 327 
TRP CE3  C Y N 328 
TRP CZ2  C Y N 329 
TRP CZ3  C Y N 330 
TRP CH2  C Y N 331 
TRP OXT  O N N 332 
TRP H    H N N 333 
TRP H2   H N N 334 
TRP HA   H N N 335 
TRP HB2  H N N 336 
TRP HB3  H N N 337 
TRP HD1  H N N 338 
TRP HE1  H N N 339 
TRP HE3  H N N 340 
TRP HZ2  H N N 341 
TRP HZ3  H N N 342 
TRP HH2  H N N 343 
TRP HXT  H N N 344 
TYR N    N N N 345 
TYR CA   C N S 346 
TYR C    C N N 347 
TYR O    O N N 348 
TYR CB   C N N 349 
TYR CG   C Y N 350 
TYR CD1  C Y N 351 
TYR CD2  C Y N 352 
TYR CE1  C Y N 353 
TYR CE2  C Y N 354 
TYR CZ   C Y N 355 
TYR OH   O N N 356 
TYR OXT  O N N 357 
TYR H    H N N 358 
TYR H2   H N N 359 
TYR HA   H N N 360 
TYR HB2  H N N 361 
TYR HB3  H N N 362 
TYR HD1  H N N 363 
TYR HD2  H N N 364 
TYR HE1  H N N 365 
TYR HE2  H N N 366 
TYR HH   H N N 367 
TYR HXT  H N N 368 
VAL N    N N N 369 
VAL CA   C N S 370 
VAL C    C N N 371 
VAL O    O N N 372 
VAL CB   C N N 373 
VAL CG1  C N N 374 
VAL CG2  C N N 375 
VAL OXT  O N N 376 
VAL H    H N N 377 
VAL H2   H N N 378 
VAL HA   H N N 379 
VAL HB   H N N 380 
VAL HG11 H N N 381 
VAL HG12 H N N 382 
VAL HG13 H N N 383 
VAL HG21 H N N 384 
VAL HG22 H N N 385 
VAL HG23 H N N 386 
VAL HXT  H N N 387 
# 
loop_
_chem_comp_bond.comp_id 
_chem_comp_bond.atom_id_1 
_chem_comp_bond.atom_id_2 
_chem_comp_bond.value_order 
_chem_comp_bond.pdbx_aromatic_flag 
_chem_comp_bond.pdbx_stereo_config 
_chem_comp_bond.pdbx_ordinal 
ALA N   CA   sing N N 1   
ALA N   H    sing N N 2   
ALA N   H2   sing N N 3   
ALA CA  C    sing N N 4   
ALA CA  CB   sing N N 5   
ALA CA  HA   sing N N 6   
ALA C   O    doub N N 7   
ALA C   OXT  sing N N 8   
ALA CB  HB1  sing N N 9   
ALA CB  HB2  sing N N 10  
ALA CB  HB3  sing N N 11  
ALA OXT HXT  sing N N 12  
ARG N   CA   sing N N 13  
ARG N   H    sing N N 14  
ARG N   H2   sing N N 15  
ARG CA  C    sing N N 16  
ARG CA  CB   sing N N 17  
ARG CA  HA   sing N N 18  
ARG C   O    doub N N 19  
ARG C   OXT  sing N N 20  
ARG CB  CG   sing N N 21  
ARG CB  HB2  sing N N 22  
ARG CB  HB3  sing N N 23  
ARG CG  CD   sing N N 24  
ARG CG  HG2  sing N N 25  
ARG CG  HG3  sing N N 26  
ARG CD  NE   sing N N 27  
ARG CD  HD2  sing N N 28  
ARG CD  HD3  sing N N 29  
ARG NE  CZ   sing N N 30  
ARG NE  HE   sing N N 31  
ARG CZ  NH1  sing N N 32  
ARG CZ  NH2  doub N N 33  
ARG NH1 HH11 sing N N 34  
ARG NH1 HH12 sing N N 35  
ARG NH2 HH21 sing N N 36  
ARG NH2 HH22 sing N N 37  
ARG OXT HXT  sing N N 38  
ASN N   CA   sing N N 39  
ASN N   H    sing N N 40  
ASN N   H2   sing N N 41  
ASN CA  C    sing N N 42  
ASN CA  CB   sing N N 43  
ASN CA  HA   sing N N 44  
ASN C   O    doub N N 45  
ASN C   OXT  sing N N 46  
ASN CB  CG   sing N N 47  
ASN CB  HB2  sing N N 48  
ASN CB  HB3  sing N N 49  
ASN CG  OD1  doub N N 50  
ASN CG  ND2  sing N N 51  
ASN ND2 HD21 sing N N 52  
ASN ND2 HD22 sing N N 53  
ASN OXT HXT  sing N N 54  
ASP N   CA   sing N N 55  
ASP N   H    sing N N 56  
ASP N   H2   sing N N 57  
ASP CA  C    sing N N 58  
ASP CA  CB   sing N N 59  
ASP CA  HA   sing N N 60  
ASP C   O    doub N N 61  
ASP C   OXT  sing N N 62  
ASP CB  CG   sing N N 63  
ASP CB  HB2  sing N N 64  
ASP CB  HB3  sing N N 65  
ASP CG  OD1  doub N N 66  
ASP CG  OD2  sing N N 67  
ASP OD2 HD2  sing N N 68  
ASP OXT HXT  sing N N 69  
CYS N   CA   sing N N 70  
CYS N   H    sing N N 71  
CYS N   H2   sing N N 72  
CYS CA  C    sing N N 73  
CYS CA  CB   sing N N 74  
CYS CA  HA   sing N N 75  
CYS C   O    doub N N 76  
CYS C   OXT  sing N N 77  
CYS CB  SG   sing N N 78  
CYS CB  HB2  sing N N 79  
CYS CB  HB3  sing N N 80  
CYS SG  HG   sing N N 81  
CYS OXT HXT  sing N N 82  
GLN N   CA   sing N N 83  
GLN N   H    sing N N 84  
GLN N   H2   sing N N 85  
GLN CA  C    sing N N 86  
GLN CA  CB   sing N N 87  
GLN CA  HA   sing N N 88  
GLN C   O    doub N N 89  
GLN C   OXT  sing N N 90  
GLN CB  CG   sing N N 91  
GLN CB  HB2  sing N N 92  
GLN CB  HB3  sing N N 93  
GLN CG  CD   sing N N 94  
GLN CG  HG2  sing N N 95  
GLN CG  HG3  sing N N 96  
GLN CD  OE1  doub N N 97  
GLN CD  NE2  sing N N 98  
GLN NE2 HE21 sing N N 99  
GLN NE2 HE22 sing N N 100 
GLN OXT HXT  sing N N 101 
GLU N   CA   sing N N 102 
GLU N   H    sing N N 103 
GLU N   H2   sing N N 104 
GLU CA  C    sing N N 105 
GLU CA  CB   sing N N 106 
GLU CA  HA   sing N N 107 
GLU C   O    doub N N 108 
GLU C   OXT  sing N N 109 
GLU CB  CG   sing N N 110 
GLU CB  HB2  sing N N 111 
GLU CB  HB3  sing N N 112 
GLU CG  CD   sing N N 113 
GLU CG  HG2  sing N N 114 
GLU CG  HG3  sing N N 115 
GLU CD  OE1  doub N N 116 
GLU CD  OE2  sing N N 117 
GLU OE2 HE2  sing N N 118 
GLU OXT HXT  sing N N 119 
GLY N   CA   sing N N 120 
GLY N   H    sing N N 121 
GLY N   H2   sing N N 122 
GLY CA  C    sing N N 123 
GLY CA  HA2  sing N N 124 
GLY CA  HA3  sing N N 125 
GLY C   O    doub N N 126 
GLY C   OXT  sing N N 127 
GLY OXT HXT  sing N N 128 
HIS N   CA   sing N N 129 
HIS N   H    sing N N 130 
HIS N   H2   sing N N 131 
HIS CA  C    sing N N 132 
HIS CA  CB   sing N N 133 
HIS CA  HA   sing N N 134 
HIS C   O    doub N N 135 
HIS C   OXT  sing N N 136 
HIS CB  CG   sing N N 137 
HIS CB  HB2  sing N N 138 
HIS CB  HB3  sing N N 139 
HIS CG  ND1  sing Y N 140 
HIS CG  CD2  doub Y N 141 
HIS ND1 CE1  doub Y N 142 
HIS ND1 HD1  sing N N 143 
HIS CD2 NE2  sing Y N 144 
HIS CD2 HD2  sing N N 145 
HIS CE1 NE2  sing Y N 146 
HIS CE1 HE1  sing N N 147 
HIS NE2 HE2  sing N N 148 
HIS OXT HXT  sing N N 149 
ILE N   CA   sing N N 150 
ILE N   H    sing N N 151 
ILE N   H2   sing N N 152 
ILE CA  C    sing N N 153 
ILE CA  CB   sing N N 154 
ILE CA  HA   sing N N 155 
ILE C   O    doub N N 156 
ILE C   OXT  sing N N 157 
ILE CB  CG1  sing N N 158 
ILE CB  CG2  sing N N 159 
ILE CB  HB   sing N N 160 
ILE CG1 CD1  sing N N 161 
ILE CG1 HG12 sing N N 162 
ILE CG1 HG13 sing N N 163 
ILE CG2 HG21 sing N N 164 
ILE CG2 HG22 sing N N 165 
ILE CG2 HG23 sing N N 166 
ILE CD1 HD11 sing N N 167 
ILE CD1 HD12 sing N N 168 
ILE CD1 HD13 sing N N 169 
ILE OXT HXT  sing N N 170 
LEU N   CA   sing N N 171 
LEU N   H    sing N N 172 
LEU N   H2   sing N N 173 
LEU CA  C    sing N N 174 
LEU CA  CB   sing N N 175 
LEU CA  HA   sing N N 176 
LEU C   O    doub N N 177 
LEU C   OXT  sing N N 178 
LEU CB  CG   sing N N 179 
LEU CB  HB2  sing N N 180 
LEU CB  HB3  sing N N 181 
LEU CG  CD1  sing N N 182 
LEU CG  CD2  sing N N 183 
LEU CG  HG   sing N N 184 
LEU CD1 HD11 sing N N 185 
LEU CD1 HD12 sing N N 186 
LEU CD1 HD13 sing N N 187 
LEU CD2 HD21 sing N N 188 
LEU CD2 HD22 sing N N 189 
LEU CD2 HD23 sing N N 190 
LEU OXT HXT  sing N N 191 
LYS N   CA   sing N N 192 
LYS N   H    sing N N 193 
LYS N   H2   sing N N 194 
LYS CA  C    sing N N 195 
LYS CA  CB   sing N N 196 
LYS CA  HA   sing N N 197 
LYS C   O    doub N N 198 
LYS C   OXT  sing N N 199 
LYS CB  CG   sing N N 200 
LYS CB  HB2  sing N N 201 
LYS CB  HB3  sing N N 202 
LYS CG  CD   sing N N 203 
LYS CG  HG2  sing N N 204 
LYS CG  HG3  sing N N 205 
LYS CD  CE   sing N N 206 
LYS CD  HD2  sing N N 207 
LYS CD  HD3  sing N N 208 
LYS CE  NZ   sing N N 209 
LYS CE  HE2  sing N N 210 
LYS CE  HE3  sing N N 211 
LYS NZ  HZ1  sing N N 212 
LYS NZ  HZ2  sing N N 213 
LYS NZ  HZ3  sing N N 214 
LYS OXT HXT  sing N N 215 
MET N   CA   sing N N 216 
MET N   H    sing N N 217 
MET N   H2   sing N N 218 
MET CA  C    sing N N 219 
MET CA  CB   sing N N 220 
MET CA  HA   sing N N 221 
MET C   O    doub N N 222 
MET C   OXT  sing N N 223 
MET CB  CG   sing N N 224 
MET CB  HB2  sing N N 225 
MET CB  HB3  sing N N 226 
MET CG  SD   sing N N 227 
MET CG  HG2  sing N N 228 
MET CG  HG3  sing N N 229 
MET SD  CE   sing N N 230 
MET CE  HE1  sing N N 231 
MET CE  HE2  sing N N 232 
MET CE  HE3  sing N N 233 
MET OXT HXT  sing N N 234 
PHE N   CA   sing N N 235 
PHE N   H    sing N N 236 
PHE N   H2   sing N N 237 
PHE CA  C    sing N N 238 
PHE CA  CB   sing N N 239 
PHE CA  HA   sing N N 240 
PHE C   O    doub N N 241 
PHE C   OXT  sing N N 242 
PHE CB  CG   sing N N 243 
PHE CB  HB2  sing N N 244 
PHE CB  HB3  sing N N 245 
PHE CG  CD1  doub Y N 246 
PHE CG  CD2  sing Y N 247 
PHE CD1 CE1  sing Y N 248 
PHE CD1 HD1  sing N N 249 
PHE CD2 CE2  doub Y N 250 
PHE CD2 HD2  sing N N 251 
PHE CE1 CZ   doub Y N 252 
PHE CE1 HE1  sing N N 253 
PHE CE2 CZ   sing Y N 254 
PHE CE2 HE2  sing N N 255 
PHE CZ  HZ   sing N N 256 
PHE OXT HXT  sing N N 257 
PRO N   CA   sing N N 258 
PRO N   CD   sing N N 259 
PRO N   H    sing N N 260 
PRO CA  C    sing N N 261 
PRO CA  CB   sing N N 262 
PRO CA  HA   sing N N 263 
PRO C   O    doub N N 264 
PRO C   OXT  sing N N 265 
PRO CB  CG   sing N N 266 
PRO CB  HB2  sing N N 267 
PRO CB  HB3  sing N N 268 
PRO CG  CD   sing N N 269 
PRO CG  HG2  sing N N 270 
PRO CG  HG3  sing N N 271 
PRO CD  HD2  sing N N 272 
PRO CD  HD3  sing N N 273 
PRO OXT HXT  sing N N 274 
SER N   CA   sing N N 275 
SER N   H    sing N N 276 
SER N   H2   sing N N 277 
SER CA  C    sing N N 278 
SER CA  CB   sing N N 279 
SER CA  HA   sing N N 280 
SER C   O    doub N N 281 
SER C   OXT  sing N N 282 
SER CB  OG   sing N N 283 
SER CB  HB2  sing N N 284 
SER CB  HB3  sing N N 285 
SER OG  HG   sing N N 286 
SER OXT HXT  sing N N 287 
THR N   CA   sing N N 288 
THR N   H    sing N N 289 
THR N   H2   sing N N 290 
THR CA  C    sing N N 291 
THR CA  CB   sing N N 292 
THR CA  HA   sing N N 293 
THR C   O    doub N N 294 
THR C   OXT  sing N N 295 
THR CB  OG1  sing N N 296 
THR CB  CG2  sing N N 297 
THR CB  HB   sing N N 298 
THR OG1 HG1  sing N N 299 
THR CG2 HG21 sing N N 300 
THR CG2 HG22 sing N N 301 
THR CG2 HG23 sing N N 302 
THR OXT HXT  sing N N 303 
TRP N   CA   sing N N 304 
TRP N   H    sing N N 305 
TRP N   H2   sing N N 306 
TRP CA  C    sing N N 307 
TRP CA  CB   sing N N 308 
TRP CA  HA   sing N N 309 
TRP C   O    doub N N 310 
TRP C   OXT  sing N N 311 
TRP CB  CG   sing N N 312 
TRP CB  HB2  sing N N 313 
TRP CB  HB3  sing N N 314 
TRP CG  CD1  doub Y N 315 
TRP CG  CD2  sing Y N 316 
TRP CD1 NE1  sing Y N 317 
TRP CD1 HD1  sing N N 318 
TRP CD2 CE2  doub Y N 319 
TRP CD2 CE3  sing Y N 320 
TRP NE1 CE2  sing Y N 321 
TRP NE1 HE1  sing N N 322 
TRP CE2 CZ2  sing Y N 323 
TRP CE3 CZ3  doub Y N 324 
TRP CE3 HE3  sing N N 325 
TRP CZ2 CH2  doub Y N 326 
TRP CZ2 HZ2  sing N N 327 
TRP CZ3 CH2  sing Y N 328 
TRP CZ3 HZ3  sing N N 329 
TRP CH2 HH2  sing N N 330 
TRP OXT HXT  sing N N 331 
TYR N   CA   sing N N 332 
TYR N   H    sing N N 333 
TYR N   H2   sing N N 334 
TYR CA  C    sing N N 335 
TYR CA  CB   sing N N 336 
TYR CA  HA   sing N N 337 
TYR C   O    doub N N 338 
TYR C   OXT  sing N N 339 
TYR CB  CG   sing N N 340 
TYR CB  HB2  sing N N 341 
TYR CB  HB3  sing N N 342 
TYR CG  CD1  doub Y N 343 
TYR CG  CD2  sing Y N 344 
TYR CD1 CE1  sing Y N 345 
TYR CD1 HD1  sing N N 346 
TYR CD2 CE2  doub Y N 347 
TYR CD2 HD2  sing N N 348 
TYR CE1 CZ   doub Y N 349 
TYR CE1 HE1  sing N N 350 
TYR CE2 CZ   sing Y N 351 
TYR CE2 HE2  sing N N 352 
TYR CZ  OH   sing N N 353 
TYR OH  HH   sing N N 354 
TYR OXT HXT  sing N N 355 
VAL N   CA   sing N N 356 
VAL N   H    sing N N 357 
VAL N   H2   sing N N 358 
VAL CA  C    sing N N 359 
VAL CA  CB   sing N N 360 
VAL CA  HA   sing N N 361 
VAL C   O    doub N N 362 
VAL C   OXT  sing N N 363 
VAL CB  CG1  sing N N 364 
VAL CB  CG2  sing N N 365 
VAL CB  HB   sing N N 366 
VAL CG1 HG11 sing N N 367 
VAL CG1 HG12 sing N N 368 
VAL CG1 HG13 sing N N 369 
VAL CG2 HG21 sing N N 370 
VAL CG2 HG22 sing N N 371 
VAL CG2 HG23 sing N N 372 
VAL OXT HXT  sing N N 373 
# 
loop_
_pdbx_coordinate_model.asym_id 
_pdbx_coordinate_model.type 
A 'CA ATOMS ONLY' 
B 'CA ATOMS ONLY' 
# 
_atom_sites.entry_id                    1TIC 
_atom_sites.fract_transf_matrix[1][1]   -0.00808069 
_atom_sites.fract_transf_matrix[1][2]   0.00368061 
_atom_sites.fract_transf_matrix[1][3]   -0.01266392 
_atom_sites.fract_transf_matrix[2][1]   -0.00657829 
_atom_sites.fract_transf_matrix[2][2]   -0.00032331 
_atom_sites.fract_transf_matrix[2][3]   0.00410356 
_atom_sites.fract_transf_matrix[3][1]   -0.00569117 
_atom_sites.fract_transf_matrix[3][2]   0.01551073 
_atom_sites.fract_transf_matrix[3][3]   -0.00790129 
_atom_sites.fract_transf_vector[1]      0.268116 
_atom_sites.fract_transf_vector[2]      0.148775 
_atom_sites.fract_transf_vector[3]      0.268225 
# 
_atom_type.symbol   C 
# 
loop_
_atom_site.group_PDB 
_atom_site.id 
_atom_site.type_symbol 
_atom_site.label_atom_id 
_atom_site.label_alt_id 
_atom_site.label_comp_id 
_atom_site.label_asym_id 
_atom_site.label_entity_id 
_atom_site.label_seq_id 
_atom_site.pdbx_PDB_ins_code 
_atom_site.Cartn_x 
_atom_site.Cartn_y 
_atom_site.Cartn_z 
_atom_site.occupancy 
_atom_site.B_iso_or_equiv 
_atom_site.pdbx_formal_charge 
_atom_site.auth_seq_id 
_atom_site.auth_comp_id 
_atom_site.auth_asym_id 
_atom_site.auth_atom_id 
_atom_site.pdbx_PDB_model_num 
ATOM 1   C CA . LYS A 1 5   ? 9.089   4.868   18.152  1.00 15.10 ? 5   LYS A CA 1 
ATOM 2   C CA . VAL A 1 6   ? 12.619  6.267   17.956  1.00 14.30 ? 6   VAL A CA 1 
ATOM 3   C CA . VAL A 1 7   ? 15.142  3.979   19.698  1.00 14.20 ? 7   VAL A CA 1 
ATOM 4   C CA . ALA A 1 8   ? 18.923  3.522   19.825  1.00 10.70 ? 8   ALA A CA 1 
ATOM 5   C CA . ALA A 1 9   ? 20.826  0.660   18.294  1.00 10.70 ? 9   ALA A CA 1 
ATOM 6   C CA . THR A 1 10  ? 22.339  -2.081  20.345  1.00 17.10 ? 10  THR A CA 1 
ATOM 7   C CA . THR A 1 11  ? 25.924  -3.208  19.683  1.00 21.10 ? 11  THR A CA 1 
ATOM 8   C CA . ALA A 1 12  ? 24.580  -6.349  17.848  1.00 21.30 ? 12  ALA A CA 1 
ATOM 9   C CA . GLN A 1 13  ? 22.519  -4.127  15.375  1.00 18.00 ? 13  GLN A CA 1 
ATOM 10  C CA . ILE A 1 14  ? 25.265  -1.376  14.656  1.00 15.60 ? 14  ILE A CA 1 
ATOM 11  C CA . GLN A 1 15  ? 27.806  -4.224  14.026  1.00 20.10 ? 15  GLN A CA 1 
ATOM 12  C CA . GLU A 1 16  ? 25.684  -6.075  11.461  1.00 21.30 ? 16  GLU A CA 1 
ATOM 13  C CA . PHE A 1 17  ? 25.243  -2.515  10.086  1.00 13.30 ? 17  PHE A CA 1 
ATOM 14  C CA . THR A 1 18  ? 29.008  -1.919  10.072  1.00 11.70 ? 18  THR A CA 1 
ATOM 15  C CA . LYS A 1 19  ? 29.394  -5.429  8.473   1.00 13.50 ? 19  LYS A CA 1 
ATOM 16  C CA . TYR A 1 20  ? 27.408  -4.485  5.360   1.00 14.60 ? 20  TYR A CA 1 
ATOM 17  C CA . ALA A 1 21  ? 29.002  -0.994  5.290   1.00 5.80  ? 21  ALA A CA 1 
ATOM 18  C CA . GLY A 1 22  ? 32.509  -2.481  4.796   1.00 2.00  ? 22  GLY A CA 1 
ATOM 19  C CA . ILE A 1 23  ? 31.161  -5.081  2.329   1.00 3.60  ? 23  ILE A CA 1 
ATOM 20  C CA . ALA A 1 24  ? 29.318  -2.320  0.598   1.00 2.40  ? 24  ALA A CA 1 
ATOM 21  C CA . ALA A 1 25  ? 32.541  -0.214  0.375   1.00 11.00 ? 25  ALA A CA 1 
ATOM 22  C CA . THR A 1 26  ? 34.475  -2.933  -1.393  1.00 4.30  ? 26  THR A CA 1 
ATOM 23  C CA . ALA A 1 27  ? 32.627  -2.541  -4.653  1.00 4.40  ? 27  ALA A CA 1 
ATOM 24  C CA . TYR A 1 28  ? 34.718  0.675   -4.999  1.00 5.90  ? 28  TYR A CA 1 
ATOM 25  C CA . CYS A 1 29  ? 38.041  -1.283  -5.082  1.00 10.80 ? 29  CYS A CA 1 
ATOM 26  C CA . ARG A 1 30  ? 39.292  -1.912  -8.732  1.00 15.50 ? 30  ARG A CA 1 
ATOM 27  C CA . SER A 1 31  ? 40.679  -5.301  -7.292  1.00 16.80 ? 31  SER A CA 1 
ATOM 28  C CA . VAL A 1 32  ? 37.107  -6.866  -7.169  1.00 17.70 ? 32  VAL A CA 1 
ATOM 29  C CA . VAL A 1 33  ? 35.244  -4.679  -9.805  1.00 23.80 ? 33  VAL A CA 1 
ATOM 30  C CA . PRO A 1 34  ? 36.339  -4.739  -12.589 1.00 28.70 ? 34  PRO A CA 1 
ATOM 31  C CA . GLY A 1 35  ? 38.917  -7.264  -11.599 1.00 25.40 ? 35  GLY A CA 1 
ATOM 32  C CA . ASN A 1 36  ? 37.338  -10.253 -9.954  1.00 28.20 ? 36  ASN A CA 1 
ATOM 33  C CA . LYS A 1 37  ? 39.649  -10.749 -6.832  1.00 29.40 ? 37  LYS A CA 1 
ATOM 34  C CA . TRP A 1 38  ? 38.649  -11.000 -3.090  1.00 28.20 ? 38  TRP A CA 1 
ATOM 35  C CA . ASP A 1 39  ? 41.700  -9.486  -1.351  1.00 33.90 ? 39  ASP A CA 1 
ATOM 36  C CA . CYS A 1 40  ? 40.815  -6.009  -0.141  1.00 24.10 ? 40  CYS A CA 1 
ATOM 37  C CA . VAL A 1 41  ? 41.301  -5.618  3.707   1.00 16.90 ? 41  VAL A CA 1 
ATOM 38  C CA . GLN A 1 42  ? 37.418  -5.547  4.030   1.00 20.80 ? 42  GLN A CA 1 
ATOM 39  C CA . CYS A 1 43  ? 36.980  -8.497  1.678   1.00 20.40 ? 43  CYS A CA 1 
ATOM 40  C CA . GLN A 1 44  ? 39.226  -10.411 4.072   1.00 23.90 ? 44  GLN A CA 1 
ATOM 41  C CA . LYS A 1 45  ? 37.916  -8.489  7.098   1.00 19.50 ? 45  LYS A CA 1 
ATOM 42  C CA . TRP A 1 46  ? 34.227  -8.879  6.417   1.00 13.20 ? 46  TRP A CA 1 
ATOM 43  C CA . VAL A 1 47  ? 34.198  -12.220 4.474   1.00 17.70 ? 47  VAL A CA 1 
ATOM 44  C CA . PRO A 1 48  ? 37.440  -14.350 4.548   1.00 20.90 ? 48  PRO A CA 1 
ATOM 45  C CA . ASP A 1 49  ? 35.404  -17.236 3.027   1.00 24.70 ? 49  ASP A CA 1 
ATOM 46  C CA . GLY A 1 50  ? 34.418  -15.064 0.042   1.00 19.20 ? 50  GLY A CA 1 
ATOM 47  C CA . LYS A 1 51  ? 34.396  -16.266 -3.524  1.00 17.00 ? 51  LYS A CA 1 
ATOM 48  C CA . ILE A 1 52  ? 33.699  -14.135 -6.644  1.00 17.80 ? 52  ILE A CA 1 
ATOM 49  C CA . ILE A 1 53  ? 31.028  -15.701 -8.953  1.00 14.20 ? 53  ILE A CA 1 
ATOM 50  C CA . THR A 1 54  ? 30.559  -12.805 -11.486 1.00 10.90 ? 54  THR A CA 1 
ATOM 51  C CA . THR A 1 55  ? 30.984  -9.013  -11.462 1.00 11.20 ? 55  THR A CA 1 
ATOM 52  C CA . PHE A 1 56  ? 28.750  -7.082  -13.747 1.00 13.70 ? 56  PHE A CA 1 
ATOM 53  C CA . THR A 1 57  ? 30.217  -4.038  -15.298 1.00 26.80 ? 57  THR A CA 1 
ATOM 54  C CA . SER A 1 58  ? 27.609  -2.356  -17.467 1.00 31.50 ? 58  SER A CA 1 
ATOM 55  C CA . LEU A 1 59  ? 28.177  -0.261  -20.540 1.00 29.40 ? 59  LEU A CA 1 
ATOM 56  C CA . LEU A 1 60  ? 25.562  2.545   -20.540 1.00 20.90 ? 60  LEU A CA 1 
ATOM 57  C CA . SER A 1 61  ? 25.563  3.996   -17.054 1.00 16.70 ? 61  SER A CA 1 
ATOM 58  C CA . ASP A 1 62  ? 28.303  3.452   -14.579 1.00 19.20 ? 62  ASP A CA 1 
ATOM 59  C CA . THR A 1 63  ? 26.595  0.567   -12.792 1.00 18.10 ? 63  THR A CA 1 
ATOM 60  C CA . ASN A 1 64  ? 29.363  -1.717  -11.673 1.00 21.00 ? 64  ASN A CA 1 
ATOM 61  C CA . GLY A 1 65  ? 28.477  -4.458  -9.051  1.00 16.70 ? 65  GLY A CA 1 
ATOM 62  C CA . TYR A 1 66  ? 29.354  -8.137  -8.031  1.00 10.50 ? 66  TYR A CA 1 
ATOM 63  C CA . VAL A 1 67  ? 27.806  -11.503 -6.903  1.00 10.20 ? 67  VAL A CA 1 
ATOM 64  C CA . LEU A 1 68  ? 29.504  -13.311 -4.008  1.00 13.90 ? 68  LEU A CA 1 
ATOM 65  C CA . ARG A 1 69  ? 28.861  -16.740 -2.366  1.00 16.00 ? 69  ARG A CA 1 
ATOM 66  C CA . SER A 1 70  ? 30.138  -17.429 1.230   1.00 15.70 ? 70  SER A CA 1 
ATOM 67  C CA . ASP A 1 71  ? 29.895  -21.011 2.334   1.00 20.60 ? 71  ASP A CA 1 
ATOM 68  C CA . LYS A 1 72  ? 30.934  -20.391 5.997   1.00 23.30 ? 72  LYS A CA 1 
ATOM 69  C CA . GLN A 1 73  ? 28.179  -17.726 6.326   1.00 15.90 ? 73  GLN A CA 1 
ATOM 70  C CA . LYS A 1 74  ? 25.715  -19.373 3.927   1.00 16.30 ? 74  LYS A CA 1 
ATOM 71  C CA . THR A 1 75  ? 25.115  -16.083 2.002   1.00 9.60  ? 75  THR A CA 1 
ATOM 72  C CA . ILE A 1 76  ? 24.872  -15.088 -1.700  1.00 11.50 ? 76  ILE A CA 1 
ATOM 73  C CA . TYR A 1 77  ? 25.781  -11.322 -1.602  1.00 9.20  ? 77  TYR A CA 1 
ATOM 74  C CA . LEU A 1 78  ? 24.491  -9.262  -4.384  1.00 8.60  ? 78  LEU A CA 1 
ATOM 75  C CA . VAL A 1 79  ? 26.425  -5.952  -4.253  1.00 8.80  ? 79  VAL A CA 1 
ATOM 76  C CA . PHE A 1 80  ? 26.197  -2.742  -6.319  1.00 8.70  ? 80  PHE A CA 1 
ATOM 77  C CA . ARG A 1 81  ? 28.839  0.014   -6.421  1.00 11.60 ? 81  ARG A CA 1 
ATOM 78  C CA . GLY A 1 82  ? 27.588  3.643   -6.811  1.00 17.50 ? 82  GLY A CA 1 
ATOM 79  C CA . THR A 1 83  ? 29.347  6.048   -9.333  1.00 17.60 ? 83  THR A CA 1 
ATOM 80  C CA . ASN A 1 84  ? 33.143  6.397   -9.413  1.00 16.90 ? 84  ASN A CA 1 
ATOM 81  C CA . SER A 1 85  ? 33.104  10.153  -8.699  1.00 15.10 ? 85  SER A CA 1 
ATOM 82  C CA . PHE A 1 86  ? 30.616  13.008  -8.043  1.00 12.10 ? 86  PHE A CA 1 
ATOM 83  C CA . ARG A 1 87  ? 31.843  14.429  -11.373 1.00 18.70 ? 87  ARG A CA 1 
ATOM 84  C CA . SER A 1 88  ? 30.625  11.143  -13.025 1.00 13.60 ? 88  SER A CA 1 
ATOM 85  C CA . ALA A 1 89  ? 27.235  11.447  -11.182 1.00 13.90 ? 89  ALA A CA 1 
ATOM 86  C CA . ILE A 1 90  ? 26.717  15.103  -12.152 1.00 21.20 ? 90  ILE A CA 1 
ATOM 87  C CA . THR A 1 91  ? 27.565  14.649  -15.889 1.00 21.10 ? 91  THR A CA 1 
ATOM 88  C CA . ASP A 1 92  ? 24.730  12.098  -16.589 1.00 19.70 ? 92  ASP A CA 1 
ATOM 89  C CA . ILE A 1 93  ? 21.551  13.562  -14.993 1.00 17.60 ? 93  ILE A CA 1 
ATOM 90  C CA . VAL A 1 94  ? 17.904  12.861  -15.449 1.00 15.40 ? 94  VAL A CA 1 
ATOM 91  C CA . PHE A 1 95  ? 15.440  14.354  -12.975 1.00 15.90 ? 95  PHE A CA 1 
ATOM 92  C CA . ASN A 1 96  ? 12.006  12.784  -13.910 1.00 12.70 ? 96  ASN A CA 1 
ATOM 93  C CA . PHE A 1 97  ? 10.009  9.774   -12.878 1.00 14.10 ? 97  PHE A CA 1 
ATOM 94  C CA . SER A 1 98  ? 9.179   6.718   -14.947 1.00 21.00 ? 98  SER A CA 1 
ATOM 95  C CA . ASP A 1 99  ? 6.678   4.037   -14.290 1.00 20.00 ? 99  ASP A CA 1 
ATOM 96  C CA . TYR A 1 100 ? 7.196   1.045   -12.207 1.00 13.20 ? 100 TYR A CA 1 
ATOM 97  C CA . LYS A 1 101 ? 5.512   -1.663  -14.373 1.00 13.60 ? 101 LYS A CA 1 
ATOM 98  C CA . PRO A 1 102 ? 5.414   -4.044  -11.349 1.00 10.60 ? 102 PRO A CA 1 
ATOM 99  C CA . VAL A 1 103 ? 3.247   -1.868  -8.934  1.00 9.40  ? 103 VAL A CA 1 
ATOM 100 C CA . LYS A 1 104 ? 0.213   0.279   -9.918  1.00 16.40 ? 104 LYS A CA 1 
ATOM 101 C CA . GLY A 1 105 ? 0.445   4.022   -9.207  1.00 18.90 ? 105 GLY A CA 1 
ATOM 102 C CA . ALA A 1 106 ? 4.185   3.617   -8.412  1.00 19.40 ? 106 ALA A CA 1 
ATOM 103 C CA . LYS A 1 107 ? 7.081   5.682   -9.812  1.00 14.00 ? 107 LYS A CA 1 
ATOM 104 C CA . VAL A 1 108 ? 10.883  5.504   -9.343  1.00 11.30 ? 108 VAL A CA 1 
ATOM 105 C CA . HIS A 1 109 ? 13.717  7.798   -10.603 1.00 8.70  ? 109 HIS A CA 1 
ATOM 106 C CA . ALA A 1 110 ? 14.152  7.372   -14.371 1.00 9.80  ? 110 ALA A CA 1 
ATOM 107 C CA . GLY A 1 111 ? 17.987  7.132   -14.207 1.00 11.00 ? 111 GLY A CA 1 
ATOM 108 C CA . PHE A 1 112 ? 17.928  4.387   -11.431 1.00 11.40 ? 112 PHE A CA 1 
ATOM 109 C CA . LEU A 1 113 ? 15.414  2.251   -13.438 1.00 11.10 ? 113 LEU A CA 1 
ATOM 110 C CA . SER A 1 114 ? 17.361  2.410   -16.729 1.00 9.50  ? 114 SER A CA 1 
ATOM 111 C CA . SER A 1 115 ? 20.705  1.624   -15.018 1.00 10.60 ? 115 SER A CA 1 
ATOM 112 C CA . TYR A 1 116 ? 19.045  -1.265  -13.235 1.00 14.90 ? 116 TYR A CA 1 
ATOM 113 C CA . GLU A 1 117 ? 17.517  -2.530  -16.532 1.00 19.30 ? 117 GLU A CA 1 
ATOM 114 C CA . GLN A 1 118 ? 21.002  -2.515  -18.203 1.00 19.70 ? 118 GLN A CA 1 
ATOM 115 C CA . VAL A 1 119 ? 22.412  -4.810  -15.479 1.00 14.40 ? 119 VAL A CA 1 
ATOM 116 C CA . VAL A 1 120 ? 19.540  -7.192  -14.533 1.00 17.60 ? 120 VAL A CA 1 
ATOM 117 C CA . ASN A 1 121 ? 20.307  -9.862  -17.126 1.00 22.20 ? 121 ASN A CA 1 
ATOM 118 C CA . ASP A 1 122 ? 23.883  -10.543 -16.303 1.00 20.80 ? 122 ASP A CA 1 
ATOM 119 C CA . TYR A 1 123 ? 23.144  -10.834 -12.533 1.00 15.60 ? 123 TYR A CA 1 
ATOM 120 C CA . PHE A 1 124 ? 19.634  -12.320 -12.249 1.00 15.80 ? 124 PHE A CA 1 
ATOM 121 C CA . PRO A 1 125 ? 20.482  -15.765 -13.602 1.00 17.20 ? 125 PRO A CA 1 
ATOM 122 C CA . VAL A 1 126 ? 23.729  -15.948 -11.468 1.00 19.20 ? 126 VAL A CA 1 
ATOM 123 C CA . VAL A 1 127 ? 21.577  -15.242 -8.398  1.00 17.80 ? 127 VAL A CA 1 
ATOM 124 C CA . GLN A 1 128 ? 18.965  -17.791 -9.579  1.00 16.80 ? 128 GLN A CA 1 
ATOM 125 C CA . GLU A 1 129 ? 21.725  -20.465 -10.230 1.00 17.60 ? 129 GLU A CA 1 
ATOM 126 C CA . GLN A 1 130 ? 23.490  -20.055 -6.790  1.00 20.30 ? 130 GLN A CA 1 
ATOM 127 C CA . LEU A 1 131 ? 20.190  -20.512 -4.897  1.00 22.40 ? 131 LEU A CA 1 
ATOM 128 C CA . THR A 1 132 ? 19.629  -23.918 -6.669  1.00 22.20 ? 132 THR A CA 1 
ATOM 129 C CA . ALA A 1 133 ? 23.032  -25.189 -6.030  1.00 19.70 ? 133 ALA A CA 1 
ATOM 130 C CA . HIS A 1 134 ? 22.713  -23.876 -2.406  1.00 21.70 ? 134 HIS A CA 1 
ATOM 131 C CA . PRO A 1 135 ? 18.978  -23.726 -1.261  1.00 22.10 ? 135 PRO A CA 1 
ATOM 132 C CA . THR A 1 136 ? 19.549  -23.174 2.414   1.00 26.00 ? 136 THR A CA 1 
ATOM 133 C CA . TYR A 1 137 ? 21.412  -19.903 1.856   1.00 23.10 ? 137 TYR A CA 1 
ATOM 134 C CA . LYS A 1 138 ? 20.359  -16.294 2.540   1.00 16.20 ? 138 LYS A CA 1 
ATOM 135 C CA . VAL A 1 139 ? 20.483  -13.641 -0.248  1.00 4.70  ? 139 VAL A CA 1 
ATOM 136 C CA . ILE A 1 140 ? 21.727  -10.224 0.999   1.00 4.00  ? 140 ILE A CA 1 
ATOM 137 C CA . VAL A 1 141 ? 21.651  -7.130  -1.188  1.00 4.80  ? 141 VAL A CA 1 
ATOM 138 C CA . THR A 1 142 ? 24.015  -4.316  -0.065  1.00 6.70  ? 142 THR A CA 1 
ATOM 139 C CA . GLY A 1 143 ? 25.288  -1.007  -1.637  1.00 5.40  ? 143 GLY A CA 1 
ATOM 140 C CA . HIS A 1 144 ? 26.434  2.625   -0.954  1.00 2.60  ? 144 HIS A CA 1 
ATOM 141 C CA . SER A 1 145 ? 25.438  5.961   -2.671  1.00 2.00  ? 145 SER A CA 1 
ATOM 142 C CA . LEU A 1 146 ? 23.899  5.168   -6.051  1.00 6.70  ? 146 LEU A CA 1 
ATOM 143 C CA . GLY A 1 147 ? 24.121  1.318   -5.613  1.00 3.80  ? 147 GLY A CA 1 
ATOM 144 C CA . GLY A 1 148 ? 21.788  2.109   -2.757  1.00 7.10  ? 148 GLY A CA 1 
ATOM 145 C CA . ALA A 1 149 ? 19.048  2.785   -5.323  1.00 3.20  ? 149 ALA A CA 1 
ATOM 146 C CA . GLN A 1 150 ? 20.059  -0.193  -7.440  1.00 4.00  ? 150 GLN A CA 1 
ATOM 147 C CA . ALA A 1 151 ? 20.045  -2.429  -4.344  1.00 5.30  ? 151 ALA A CA 1 
ATOM 148 C CA . LEU A 1 152 ? 16.476  -1.683  -3.360  1.00 7.50  ? 152 LEU A CA 1 
ATOM 149 C CA . LEU A 1 153 ? 15.491  -1.877  -7.106  1.00 10.20 ? 153 LEU A CA 1 
ATOM 150 C CA . ALA A 1 154 ? 17.433  -5.256  -7.295  1.00 10.80 ? 154 ALA A CA 1 
ATOM 151 C CA . GLY A 1 155 ? 15.805  -6.344  -4.080  1.00 15.30 ? 155 GLY A CA 1 
ATOM 152 C CA . MET A 1 156 ? 12.214  -5.897  -5.031  1.00 18.80 ? 156 MET A CA 1 
ATOM 153 C CA . ASP A 1 157 ? 12.822  -7.512  -8.443  1.00 22.10 ? 157 ASP A CA 1 
ATOM 154 C CA . LEU A 1 158 ? 14.054  -10.777 -6.769  1.00 19.90 ? 158 LEU A CA 1 
ATOM 155 C CA . TYR A 1 159 ? 11.049  -10.644 -4.381  1.00 13.40 ? 159 TYR A CA 1 
ATOM 156 C CA . GLN A 1 160 ? 8.791   -10.192 -7.461  1.00 13.20 ? 160 GLN A CA 1 
ATOM 157 C CA . ARG A 1 161 ? 10.488  -12.829 -9.619  1.00 14.30 ? 161 ARG A CA 1 
ATOM 158 C CA . GLU A 1 162 ? 12.341  -15.390 -7.426  1.00 20.00 ? 162 GLU A CA 1 
ATOM 159 C CA . PRO A 1 163 ? 9.701   -17.543 -5.649  1.00 22.80 ? 163 PRO A CA 1 
ATOM 160 C CA . ARG A 1 164 ? 12.308  -19.038 -3.291  1.00 23.60 ? 164 ARG A CA 1 
ATOM 161 C CA . LEU A 1 165 ? 12.983  -15.493 -2.048  1.00 20.90 ? 165 LEU A CA 1 
ATOM 162 C CA . SER A 1 166 ? 11.031  -13.911 0.784   1.00 17.00 ? 166 SER A CA 1 
ATOM 163 C CA . PRO A 1 167 ? 11.174  -12.291 4.243   1.00 15.60 ? 167 PRO A CA 1 
ATOM 164 C CA . LYS A 1 168 ? 13.576  -14.565 6.250   1.00 22.70 ? 168 LYS A CA 1 
ATOM 165 C CA . ASN A 1 169 ? 16.007  -15.189 3.378   1.00 12.20 ? 169 ASN A CA 1 
ATOM 166 C CA . LEU A 1 170 ? 16.344  -11.828 1.438   1.00 11.90 ? 170 LEU A CA 1 
ATOM 167 C CA . SER A 1 171 ? 17.283  -8.582  3.353   1.00 14.40 ? 171 SER A CA 1 
ATOM 168 C CA . ILE A 1 172 ? 18.311  -5.228  1.884   1.00 10.60 ? 172 ILE A CA 1 
ATOM 169 C CA . PHE A 1 173 ? 21.002  -3.092  3.687   1.00 12.30 ? 173 PHE A CA 1 
ATOM 170 C CA . THR A 1 174 ? 22.152  0.354   2.407   1.00 8.70  ? 174 THR A CA 1 
ATOM 171 C CA . VAL A 1 175 ? 24.608  3.072   3.448   1.00 4.80  ? 175 VAL A CA 1 
ATOM 172 C CA . GLY A 1 176 ? 24.138  6.620   2.137   1.00 2.30  ? 176 GLY A CA 1 
ATOM 173 C CA . GLY A 1 177 ? 21.480  5.623   -0.508  1.00 2.30  ? 177 GLY A CA 1 
ATOM 174 C CA . PRO A 1 178 ? 19.268  8.122   -2.271  1.00 2.00  ? 178 PRO A CA 1 
ATOM 175 C CA . ARG A 1 179 ? 15.473  8.117   -2.374  1.00 2.00  ? 179 ARG A CA 1 
ATOM 176 C CA . VAL A 1 180 ? 14.216  6.018   -5.226  1.00 4.50  ? 180 VAL A CA 1 
ATOM 177 C CA . GLY A 1 181 ? 10.473  6.198   -5.667  1.00 5.80  ? 181 GLY A CA 1 
ATOM 178 C CA . ASN A 1 182 ? 7.256   8.061   -4.922  1.00 7.30  ? 182 ASN A CA 1 
ATOM 179 C CA . PRO A 1 183 ? 5.033   7.521   -1.859  1.00 8.80  ? 183 PRO A CA 1 
ATOM 180 C CA . THR A 1 184 ? 3.193   4.751   -3.652  1.00 13.60 ? 184 THR A CA 1 
ATOM 181 C CA . PHE A 1 185 ? 6.517   2.797   -4.255  1.00 10.70 ? 185 PHE A CA 1 
ATOM 182 C CA . ALA A 1 186 ? 7.589   3.251   -0.547  1.00 7.30  ? 186 ALA A CA 1 
ATOM 183 C CA . TYR A 1 187 ? 4.215   1.797   0.499   1.00 7.60  ? 187 TYR A CA 1 
ATOM 184 C CA . TYR A 1 188 ? 4.632   -1.125  -1.950  1.00 4.70  ? 188 TYR A CA 1 
ATOM 185 C CA . VAL A 1 189 ? 8.119   -1.962  -0.391  1.00 9.10  ? 189 VAL A CA 1 
ATOM 186 C CA . GLU A 1 190 ? 6.805   -1.642  3.179   1.00 12.90 ? 190 GLU A CA 1 
ATOM 187 C CA . SER A 1 191 ? 3.867   -3.734  1.832   1.00 11.40 ? 191 SER A CA 1 
ATOM 188 C CA . THR A 1 192 ? 6.285   -6.665  0.836   1.00 10.20 ? 192 THR A CA 1 
ATOM 189 C CA . GLY A 1 193 ? 7.713   -7.399  4.260   1.00 6.50  ? 193 GLY A CA 1 
ATOM 190 C CA . ILE A 1 194 ? 11.342  -7.740  3.216   1.00 8.40  ? 194 ILE A CA 1 
ATOM 191 C CA . PRO A 1 195 ? 13.433  -5.883  5.666   1.00 9.70  ? 195 PRO A CA 1 
ATOM 192 C CA . PHE A 1 196 ? 15.636  -3.115  4.637   1.00 7.30  ? 196 PHE A CA 1 
ATOM 193 C CA . GLN A 1 197 ? 17.891  -0.906  6.590   1.00 11.20 ? 197 GLN A CA 1 
ATOM 194 C CA . ARG A 1 198 ? 18.749  2.488   5.441   1.00 7.00  ? 198 ARG A CA 1 
ATOM 195 C CA . THR A 1 199 ? 21.766  3.740   7.375   1.00 5.40  ? 199 THR A CA 1 
ATOM 196 C CA . VAL A 1 200 ? 22.345  7.528   7.120   1.00 9.20  ? 200 VAL A CA 1 
ATOM 197 C CA . HIS A 1 201 ? 25.742  8.791   8.492   1.00 8.90  ? 201 HIS A CA 1 
ATOM 198 C CA . LYS A 1 202 ? 25.456  12.149  10.337  1.00 10.50 ? 202 LYS A CA 1 
ATOM 199 C CA . ARG A 1 203 ? 24.570  14.950  7.884   1.00 10.90 ? 203 ARG A CA 1 
ATOM 200 C CA . ASP A 1 204 ? 25.053  13.216  4.514   1.00 12.30 ? 204 ASP A CA 1 
ATOM 201 C CA . ILE A 1 205 ? 23.249  14.935  1.603   1.00 5.40  ? 205 ILE A CA 1 
ATOM 202 C CA . VAL A 1 206 ? 22.657  11.756  -0.485  1.00 2.00  ? 206 VAL A CA 1 
ATOM 203 C CA . PRO A 1 207 ? 19.904  10.265  1.553   1.00 2.00  ? 207 PRO A CA 1 
ATOM 204 C CA . HIS A 1 208 ? 17.932  13.603  1.121   1.00 9.80  ? 208 HIS A CA 1 
ATOM 205 C CA . VAL A 1 209 ? 18.008  13.694  -2.673  1.00 12.90 ? 209 VAL A CA 1 
ATOM 206 C CA . PRO A 1 210 ? 15.927  13.608  -4.729  1.00 9.30  ? 210 PRO A CA 1 
ATOM 207 C CA . PRO A 1 211 ? 14.143  15.672  -1.989  1.00 8.50  ? 211 PRO A CA 1 
ATOM 208 C CA . GLN A 1 212 ? 10.736  14.862  -0.478  1.00 9.30  ? 212 GLN A CA 1 
ATOM 209 C CA . SER A 1 213 ? 8.877   17.832  -1.962  1.00 5.80  ? 213 SER A CA 1 
ATOM 210 C CA . PHE A 1 214 ? 9.741   16.812  -5.494  1.00 4.00  ? 214 PHE A CA 1 
ATOM 211 C CA . GLY A 1 215 ? 7.656   13.770  -4.270  1.00 4.00  ? 215 GLY A CA 1 
ATOM 212 C CA . PHE A 1 216 ? 10.065  10.992  -3.233  1.00 3.20  ? 216 PHE A CA 1 
ATOM 213 C CA . LEU A 1 217 ? 9.738   9.063   0.012   1.00 2.90  ? 217 LEU A CA 1 
ATOM 214 C CA . HIS A 1 218 ? 11.800  6.404   1.651   1.00 2.00  ? 218 HIS A CA 1 
ATOM 215 C CA . PRO A 1 219 ? 10.941  3.033   3.121   1.00 7.20  ? 219 PRO A CA 1 
ATOM 216 C CA . GLY A 1 220 ? 13.437  1.053   5.319   1.00 4.70  ? 220 GLY A CA 1 
ATOM 217 C CA . VAL A 1 221 ? 13.814  1.443   9.058   1.00 4.10  ? 221 VAL A CA 1 
ATOM 218 C CA . GLU A 1 222 ? 16.243  4.369   9.367   1.00 6.80  ? 222 GLU A CA 1 
ATOM 219 C CA . SER A 1 223 ? 19.451  3.887   11.396  1.00 5.70  ? 223 SER A CA 1 
ATOM 220 C CA . TRP A 1 224 ? 21.005  7.366   11.742  1.00 8.10  ? 224 TRP A CA 1 
ATOM 221 C CA . ILE A 1 225 ? 24.658  7.474   12.890  1.00 12.20 ? 225 ILE A CA 1 
ATOM 222 C CA . LYS A 1 226 ? 24.406  10.572  15.200  1.00 16.30 ? 226 LYS A CA 1 
ATOM 223 C CA . SER A 1 227 ? 28.155  10.805  15.813  1.00 20.00 ? 227 SER A CA 1 
ATOM 224 C CA . GLY A 1 228 ? 31.175  8.738   16.180  1.00 27.80 ? 228 GLY A CA 1 
ATOM 225 C CA . THR A 1 229 ? 30.933  5.271   14.680  1.00 27.60 ? 229 THR A CA 1 
ATOM 226 C CA . SER A 1 230 ? 28.067  4.425   17.052  1.00 28.20 ? 230 SER A CA 1 
ATOM 227 C CA . ASN A 1 231 ? 25.959  6.897   18.754  1.00 20.00 ? 231 ASN A CA 1 
ATOM 228 C CA . VAL A 1 232 ? 23.512  5.205   16.302  1.00 11.70 ? 232 VAL A CA 1 
ATOM 229 C CA . GLN A 1 233 ? 19.808  6.055   16.705  1.00 8.00  ? 233 GLN A CA 1 
ATOM 230 C CA . ILE A 1 234 ? 17.056  3.949   15.085  1.00 10.40 ? 234 ILE A CA 1 
ATOM 231 C CA . CYS A 1 235 ? 13.774  5.490   13.834  1.00 16.80 ? 235 CYS A CA 1 
ATOM 232 C CA . THR A 1 236 ? 11.607  2.334   14.018  1.00 20.30 ? 236 THR A CA 1 
ATOM 233 C CA . SER A 1 237 ? 8.856   3.209   11.459  1.00 16.90 ? 237 SER A CA 1 
ATOM 234 C CA . GLU A 1 238 ? 9.139   1.732   7.989   1.00 13.50 ? 238 GLU A CA 1 
ATOM 235 C CA . ILE A 1 239 ? 8.248   5.052   6.257   1.00 5.50  ? 239 ILE A CA 1 
ATOM 236 C CA . GLU A 1 240 ? 10.357  8.122   6.730   1.00 12.30 ? 240 GLU A CA 1 
ATOM 237 C CA . THR A 1 241 ? 10.083  10.410  9.703   1.00 12.20 ? 241 THR A CA 1 
ATOM 238 C CA . LYS A 1 242 ? 11.431  13.802  10.733  1.00 11.70 ? 242 LYS A CA 1 
ATOM 239 C CA . ASP A 1 243 ? 13.109  12.326  13.858  1.00 11.10 ? 243 ASP A CA 1 
ATOM 240 C CA . CYS A 1 244 ? 16.383  10.871  12.458  1.00 9.60  ? 244 CYS A CA 1 
ATOM 241 C CA . SER A 1 245 ? 18.364  12.718  9.558   1.00 6.90  ? 245 SER A CA 1 
ATOM 242 C CA . ASN A 1 246 ? 15.342  14.697  8.307   1.00 9.30  ? 246 ASN A CA 1 
ATOM 243 C CA . SER A 1 247 ? 16.151  16.539  11.641  1.00 11.40 ? 247 SER A CA 1 
ATOM 244 C CA . ILE A 1 248 ? 19.152  18.361  10.128  1.00 5.00  ? 248 ILE A CA 1 
ATOM 245 C CA . VAL A 1 249 ? 18.262  19.655  6.604   1.00 5.50  ? 249 VAL A CA 1 
ATOM 246 C CA . PRO A 1 250 ? 19.444  22.020  5.397   1.00 4.00  ? 250 PRO A CA 1 
ATOM 247 C CA . PHE A 1 251 ? 22.751  21.657  7.233   1.00 8.00  ? 251 PHE A CA 1 
ATOM 248 C CA . THR A 1 252 ? 23.649  18.599  5.139   1.00 11.00 ? 252 THR A CA 1 
ATOM 249 C CA . SER A 1 253 ? 27.142  17.685  4.042   1.00 4.80  ? 253 SER A CA 1 
ATOM 250 C CA . ILE A 1 254 ? 29.013  16.247  0.981   1.00 6.50  ? 254 ILE A CA 1 
ATOM 251 C CA . LEU A 1 255 ? 31.866  14.751  3.081   1.00 8.60  ? 255 LEU A CA 1 
ATOM 252 C CA . ASP A 1 256 ? 29.604  12.762  5.457   1.00 9.50  ? 256 ASP A CA 1 
ATOM 253 C CA . HIS A 1 257 ? 28.984  10.581  2.414   1.00 6.80  ? 257 HIS A CA 1 
ATOM 254 C CA . LEU A 1 258 ? 32.611  9.333   2.277   1.00 5.10  ? 258 LEU A CA 1 
ATOM 255 C CA . SER A 1 259 ? 32.802  7.370   5.541   1.00 3.60  ? 259 SER A CA 1 
ATOM 256 C CA . TYR A 1 260 ? 30.441  4.945   7.276   1.00 5.80  ? 260 TYR A CA 1 
ATOM 257 C CA . PHE A 1 261 ? 31.440  3.446   10.805  1.00 9.70  ? 261 PHE A CA 1 
ATOM 258 C CA . ASP A 1 262 ? 35.026  4.552   10.026  1.00 17.30 ? 262 ASP A CA 1 
ATOM 259 C CA . ILE A 1 263 ? 34.907  2.759   6.671   1.00 12.60 ? 263 ILE A CA 1 
ATOM 260 C CA . ASN A 1 264 ? 35.930  4.549   3.514   1.00 8.50  ? 264 ASN A CA 1 
ATOM 261 C CA . GLU A 1 265 ? 32.985  4.543   1.166   1.00 8.80  ? 265 GLU A CA 1 
ATOM 262 C CA . GLY A 1 266 ? 34.378  5.327   -2.319  1.00 5.90  ? 266 GLY A CA 1 
ATOM 263 C CA . SER A 1 267 ? 38.133  5.216   -2.805  1.00 8.40  ? 267 SER A CA 1 
ATOM 264 C CA . CYS A 1 268 ? 38.475  1.849   -1.135  1.00 17.70 ? 268 CYS A CA 1 
ATOM 265 C CA . LEU A 1 269 ? 40.887  2.577   1.775   1.00 25.10 ? 269 LEU A CA 1 
ATOM 266 C CA . SER B 1 1   ? -18.562 -23.651 7.116   1.00 54.70 ? 1   SER B CA 1 
ATOM 267 C CA . ASP B 1 2   ? -18.698 -26.906 5.060   1.00 57.40 ? 2   ASP B CA 1 
ATOM 268 C CA . GLY B 1 3   ? -20.843 -25.687 2.225   1.00 56.30 ? 3   GLY B CA 1 
ATOM 269 C CA . GLY B 1 4   ? -24.357 -24.927 1.635   1.00 52.50 ? 4   GLY B CA 1 
ATOM 270 C CA . LYS B 1 5   ? -25.654 -21.510 2.394   1.00 41.40 ? 5   LYS B CA 1 
ATOM 271 C CA . VAL B 1 6   ? -28.656 -19.647 4.038   1.00 32.70 ? 6   VAL B CA 1 
ATOM 272 C CA . VAL B 1 7   ? -28.575 -18.881 7.815   1.00 27.50 ? 7   VAL B CA 1 
ATOM 273 C CA . ALA B 1 8   ? -29.463 -16.301 10.538  1.00 19.90 ? 8   ALA B CA 1 
ATOM 274 C CA . ALA B 1 9   ? -27.048 -13.843 12.266  1.00 22.30 ? 9   ALA B CA 1 
ATOM 275 C CA . THR B 1 10  ? -27.942 -14.003 16.020  1.00 32.40 ? 10  THR B CA 1 
ATOM 276 C CA . THR B 1 11  ? -26.349 -11.193 17.797  1.00 22.90 ? 11  THR B CA 1 
ATOM 277 C CA . ALA B 1 12  ? -22.749 -10.530 16.876  1.00 12.80 ? 12  ALA B CA 1 
ATOM 278 C CA . GLN B 1 13  ? -23.353 -10.186 13.068  1.00 12.30 ? 13  GLN B CA 1 
ATOM 279 C CA . ILE B 1 14  ? -26.555 -8.187  13.706  1.00 11.80 ? 14  ILE B CA 1 
ATOM 280 C CA . GLN B 1 15  ? -24.624 -5.882  16.097  1.00 12.40 ? 15  GLN B CA 1 
ATOM 281 C CA . GLU B 1 16  ? -21.938 -5.268  13.456  1.00 11.10 ? 16  GLU B CA 1 
ATOM 282 C CA . PHE B 1 17  ? -24.504 -4.939  10.598  1.00 10.40 ? 17  PHE B CA 1 
ATOM 283 C CA . THR B 1 18  ? -26.325 -2.386  12.805  1.00 9.10  ? 18  THR B CA 1 
ATOM 284 C CA . LYS B 1 19  ? -23.230 -0.300  13.640  1.00 7.20  ? 19  LYS B CA 1 
ATOM 285 C CA . TYR B 1 20  ? -22.248 -0.012  9.966   1.00 9.20  ? 20  TYR B CA 1 
ATOM 286 C CA . ALA B 1 21  ? -25.918 1.237   9.254   1.00 4.20  ? 21  ALA B CA 1 
ATOM 287 C CA . GLY B 1 22  ? -25.631 3.709   12.137  1.00 6.50  ? 22  GLY B CA 1 
ATOM 288 C CA . ILE B 1 23  ? -22.201 4.768   10.728  1.00 12.60 ? 23  ILE B CA 1 
ATOM 289 C CA . ALA B 1 24  ? -23.533 5.039   7.040   1.00 9.10  ? 24  ALA B CA 1 
ATOM 290 C CA . ALA B 1 25  ? -26.584 6.993   8.299   1.00 8.30  ? 25  ALA B CA 1 
ATOM 291 C CA . THR B 1 26  ? -24.431 9.968   9.544   1.00 8.80  ? 26  THR B CA 1 
ATOM 292 C CA . ALA B 1 27  ? -23.446 11.270  6.073   1.00 9.20  ? 27  ALA B CA 1 
ATOM 293 C CA . TYR B 1 28  ? -26.970 12.516  5.643   1.00 13.00 ? 28  TYR B CA 1 
ATOM 294 C CA . CYS B 1 29  ? -26.450 14.675  8.779   1.00 17.60 ? 29  CYS B CA 1 
ATOM 295 C CA . ARG B 1 30  ? -25.422 18.069  7.378   1.00 20.30 ? 30  ARG B CA 1 
ATOM 296 C CA . SER B 1 31  ? -23.387 19.065  10.431  1.00 18.70 ? 31  SER B CA 1 
ATOM 297 C CA . VAL B 1 32  ? -21.123 16.098  9.520   1.00 21.40 ? 32  VAL B CA 1 
ATOM 298 C CA . VAL B 1 33  ? -20.640 16.904  5.786   1.00 20.20 ? 33  VAL B CA 1 
ATOM 299 C CA . PRO B 1 34  ? -20.152 19.696  5.176   1.00 18.90 ? 34  PRO B CA 1 
ATOM 300 C CA . GLY B 1 35  ? -20.579 21.168  8.618   1.00 20.50 ? 35  GLY B CA 1 
ATOM 301 C CA . ASN B 1 36  ? -17.576 18.996  9.613   1.00 23.30 ? 36  ASN B CA 1 
ATOM 302 C CA . LYS B 1 37  ? -18.629 18.373  13.192  1.00 25.90 ? 37  LYS B CA 1 
ATOM 303 C CA . TRP B 1 38  ? -19.249 14.824  14.708  1.00 22.80 ? 38  TRP B CA 1 
ATOM 304 C CA . ASP B 1 39  ? -22.022 15.183  17.291  1.00 29.40 ? 39  ASP B CA 1 
ATOM 305 C CA . CYS B 1 40  ? -25.055 13.549  15.726  1.00 32.30 ? 40  CYS B CA 1 
ATOM 306 C CA . VAL B 1 41  ? -26.699 11.025  18.193  1.00 32.00 ? 41  VAL B CA 1 
ATOM 307 C CA . GLN B 1 42  ? -25.681 8.244   15.890  1.00 28.20 ? 42  GLN B CA 1 
ATOM 308 C CA . CYS B 1 43  ? -22.218 9.717   15.657  1.00 31.30 ? 43  CYS B CA 1 
ATOM 309 C CA . GLN B 1 44  ? -21.959 9.867   19.371  1.00 33.20 ? 44  GLN B CA 1 
ATOM 310 C CA . LYS B 1 45  ? -23.380 6.281   19.574  1.00 30.00 ? 45  LYS B CA 1 
ATOM 311 C CA . TRP B 1 46  ? -21.377 4.200   17.112  1.00 27.20 ? 46  TRP B CA 1 
ATOM 312 C CA . VAL B 1 47  ? -17.937 5.974   17.372  1.00 30.20 ? 47  VAL B CA 1 
ATOM 313 C CA . PRO B 1 48  ? -17.866 8.061   20.646  1.00 27.40 ? 48  PRO B CA 1 
ATOM 314 C CA . ASP B 1 49  ? -14.616 9.993   20.357  1.00 30.60 ? 49  ASP B CA 1 
ATOM 315 C CA . GLY B 1 50  ? -13.886 10.082  16.731  1.00 22.50 ? 50  GLY B CA 1 
ATOM 316 C CA . LYS B 1 51  ? -12.313 12.771  14.561  1.00 24.10 ? 51  LYS B CA 1 
ATOM 317 C CA . ILE B 1 52  ? -13.466 13.927  11.057  1.00 16.70 ? 52  ILE B CA 1 
ATOM 318 C CA . ILE B 1 53  ? -10.186 14.205  9.085   1.00 11.40 ? 53  ILE B CA 1 
ATOM 319 C CA . THR B 1 54  ? -11.781 15.441  5.883   1.00 19.70 ? 54  THR B CA 1 
ATOM 320 C CA . THR B 1 55  ? -15.153 15.862  4.173   1.00 24.20 ? 55  THR B CA 1 
ATOM 321 C CA . PHE B 1 56  ? -15.881 16.147  0.288   1.00 26.00 ? 56  PHE B CA 1 
ATOM 322 C CA . THR B 1 57  ? -18.735 18.763  0.270   1.00 35.60 ? 57  THR B CA 1 
ATOM 323 C CA . SER B 1 58  ? -20.286 18.540  -2.944  1.00 38.00 ? 58  SER B CA 1 
ATOM 324 C CA . LEU B 1 59  ? -23.397 20.184  -4.338  1.00 46.30 ? 59  LEU B CA 1 
ATOM 325 C CA . LEU B 1 60  ? -21.602 18.261  -7.067  1.00 42.90 ? 60  LEU B CA 1 
ATOM 326 C CA . SER B 1 61  ? -22.719 15.258  -9.131  1.00 39.20 ? 61  SER B CA 1 
ATOM 327 C CA . ASP B 1 62  ? -23.990 14.538  -5.640  1.00 32.90 ? 62  ASP B CA 1 
ATOM 328 C CA . THR B 1 63  ? -21.414 12.270  -4.102  1.00 25.90 ? 63  THR B CA 1 
ATOM 329 C CA . ASN B 1 64  ? -20.451 13.392  -0.582  1.00 18.50 ? 64  ASN B CA 1 
ATOM 330 C CA . GLY B 1 65  ? -18.641 11.483  2.200   1.00 16.70 ? 65  GLY B CA 1 
ATOM 331 C CA . TYR B 1 66  ? -15.759 11.916  4.761   1.00 10.90 ? 66  TYR B CA 1 
ATOM 332 C CA . VAL B 1 67  ? -12.600 10.189  6.234   1.00 11.20 ? 67  VAL B CA 1 
ATOM 333 C CA . LEU B 1 68  ? -13.494 9.577   9.920   1.00 9.70  ? 68  LEU B CA 1 
ATOM 334 C CA . ARG B 1 69  ? -10.967 8.278   12.512  1.00 12.30 ? 69  ARG B CA 1 
ATOM 335 C CA . SER B 1 70  ? -11.352 6.309   15.729  1.00 12.90 ? 70  SER B CA 1 
ATOM 336 C CA . ASP B 1 71  ? -8.245  5.392   17.891  1.00 15.60 ? 71  ASP B CA 1 
ATOM 337 C CA . LYS B 1 72  ? -10.248 3.488   20.474  1.00 17.90 ? 72  LYS B CA 1 
ATOM 338 C CA . GLN B 1 73  ? -11.819 1.506   17.586  1.00 17.30 ? 73  GLN B CA 1 
ATOM 339 C CA . LYS B 1 74  ? -8.489  1.710   15.599  1.00 14.40 ? 74  LYS B CA 1 
ATOM 340 C CA . THR B 1 75  ? -10.464 2.189   12.408  1.00 13.80 ? 75  THR B CA 1 
ATOM 341 C CA . ILE B 1 76  ? -10.034 4.618   9.515   1.00 8.70  ? 76  ILE B CA 1 
ATOM 342 C CA . TYR B 1 77  ? -13.602 4.978   8.056   1.00 7.50  ? 77  TYR B CA 1 
ATOM 343 C CA . LEU B 1 78  ? -14.410 6.151   4.502   1.00 3.40  ? 78  LEU B CA 1 
ATOM 344 C CA . VAL B 1 79  ? -18.122 6.924   4.478   1.00 3.70  ? 79  VAL B CA 1 
ATOM 345 C CA . PHE B 1 80  ? -20.098 7.977   1.251   1.00 6.00  ? 80  PHE B CA 1 
ATOM 346 C CA . ARG B 1 81  ? -23.448 9.135   0.190   1.00 10.80 ? 81  ARG B CA 1 
ATOM 347 C CA . GLY B 1 82  ? -25.547 10.225  -2.800  1.00 13.90 ? 82  GLY B CA 1 
ATOM 348 C CA . THR B 1 83  ? -28.637 12.477  -3.356  1.00 22.40 ? 83  THR B CA 1 
ATOM 349 C CA . ASN B 1 84  ? -31.319 12.548  -0.604  1.00 25.40 ? 84  ASN B CA 1 
ATOM 350 C CA . SER B 1 85  ? -33.970 12.201  -3.353  1.00 20.80 ? 85  SER B CA 1 
ATOM 351 C CA . PHE B 1 86  ? -34.437 8.499   -4.161  1.00 25.90 ? 86  PHE B CA 1 
ATOM 352 C CA . ARG B 1 87  ? -37.391 8.326   -6.591  1.00 34.20 ? 87  ARG B CA 1 
ATOM 353 C CA . SER B 1 88  ? -35.421 10.538  -8.915  1.00 37.70 ? 88  SER B CA 1 
ATOM 354 C CA . ALA B 1 89  ? -32.145 8.712   -8.132  1.00 42.10 ? 89  ALA B CA 1 
ATOM 355 C CA . ILE B 1 90  ? -33.440 5.242   -9.231  1.00 43.10 ? 90  ILE B CA 1 
ATOM 356 C CA . THR B 1 91  ? -36.092 6.331   -11.559 1.00 43.50 ? 91  THR B CA 1 
ATOM 357 C CA . ASP B 1 92  ? -34.704 8.851   -13.875 1.00 38.60 ? 92  ASP B CA 1 
ATOM 358 C CA . ILE B 1 93  ? -31.090 7.860   -14.305 1.00 38.40 ? 93  ILE B CA 1 
ATOM 359 C CA . VAL B 1 94  ? -29.059 5.931   -16.896 1.00 39.30 ? 94  VAL B CA 1 
ATOM 360 C CA . PHE B 1 95  ? -28.392 2.113   -17.021 1.00 38.60 ? 95  PHE B CA 1 
ATOM 361 C CA . ASN B 1 96  ? -25.089 1.857   -18.849 1.00 31.80 ? 96  ASN B CA 1 
ATOM 362 C CA . PHE B 1 97  ? -21.507 1.000   -18.737 1.00 28.40 ? 97  PHE B CA 1 
ATOM 363 C CA . SER B 1 98  ? -18.161 2.613   -18.520 1.00 29.20 ? 98  SER B CA 1 
ATOM 364 C CA . ASP B 1 99  ? -15.601 -0.081  -19.180 1.00 33.70 ? 99  ASP B CA 1 
ATOM 365 C CA . TYR B 1 100 ? -13.742 -0.458  -15.838 1.00 24.30 ? 100 TYR B CA 1 
ATOM 366 C CA . LYS B 1 101 ? -9.977  -0.287  -16.962 1.00 27.50 ? 101 LYS B CA 1 
ATOM 367 C CA . PRO B 1 102 ? -8.762  -2.063  -13.873 1.00 25.60 ? 102 PRO B CA 1 
ATOM 368 C CA . VAL B 1 103 ? -10.253 -5.484  -15.027 1.00 27.80 ? 103 VAL B CA 1 
ATOM 369 C CA . LYS B 1 104 ? -10.570 -6.063  -18.812 1.00 30.40 ? 104 LYS B CA 1 
ATOM 370 C CA . GLY B 1 105 ? -14.068 -7.132  -19.654 1.00 31.50 ? 105 GLY B CA 1 
ATOM 371 C CA . ALA B 1 106 ? -15.206 -5.615  -16.267 1.00 26.90 ? 106 ALA B CA 1 
ATOM 372 C CA . LYS B 1 107 ? -17.790 -2.756  -16.871 1.00 23.40 ? 107 LYS B CA 1 
ATOM 373 C CA . VAL B 1 108 ? -19.557 -0.375  -14.462 1.00 16.70 ? 108 VAL B CA 1 
ATOM 374 C CA . HIS B 1 109 ? -22.545 1.856   -14.067 1.00 17.10 ? 109 HIS B CA 1 
ATOM 375 C CA . ALA B 1 110 ? -21.634 4.861   -16.185 1.00 19.10 ? 110 ALA B CA 1 
ATOM 376 C CA . GLY B 1 111 ? -22.886 7.482   -13.776 1.00 15.70 ? 111 GLY B CA 1 
ATOM 377 C CA . PHE B 1 112 ? -21.617 5.653   -10.700 1.00 10.20 ? 112 PHE B CA 1 
ATOM 378 C CA . LEU B 1 113 ? -17.952 5.600   -11.941 1.00 11.20 ? 113 LEU B CA 1 
ATOM 379 C CA . SER B 1 114 ? -18.037 9.359   -12.873 1.00 18.10 ? 114 SER B CA 1 
ATOM 380 C CA . SER B 1 115 ? -19.693 10.704  -9.633  1.00 14.90 ? 115 SER B CA 1 
ATOM 381 C CA . TYR B 1 116 ? -16.976 8.563   -8.111  1.00 18.80 ? 116 TYR B CA 1 
ATOM 382 C CA . GLU B 1 117 ? -14.250 10.104  -10.329 1.00 23.60 ? 117 GLU B CA 1 
ATOM 383 C CA . GLN B 1 118 ? -14.956 13.683  -9.059  1.00 21.40 ? 118 GLN B CA 1 
ATOM 384 C CA . VAL B 1 119 ? -14.078 12.409  -5.446  1.00 17.50 ? 119 VAL B CA 1 
ATOM 385 C CA . VAL B 1 120 ? -11.093 9.958   -5.510  1.00 15.50 ? 120 VAL B CA 1 
ATOM 386 C CA . ASN B 1 121 ? -8.630  12.958  -5.211  1.00 21.80 ? 121 ASN B CA 1 
ATOM 387 C CA . ASP B 1 122 ? -10.275 14.458  -2.041  1.00 21.70 ? 122 ASP B CA 1 
ATOM 388 C CA . TYR B 1 123 ? -10.208 11.114  -0.146  1.00 11.60 ? 123 TYR B CA 1 
ATOM 389 C CA . PHE B 1 124 ? -7.416  8.998   -1.773  1.00 11.90 ? 124 PHE B CA 1 
ATOM 390 C CA . PRO B 1 125 ? -4.491  11.105  -0.411  1.00 15.30 ? 125 PRO B CA 1 
ATOM 391 C CA . VAL B 1 126 ? -6.281  11.587  2.973   1.00 11.00 ? 126 VAL B CA 1 
ATOM 392 C CA . VAL B 1 127 ? -7.076  7.847   3.652   1.00 10.10 ? 127 VAL B CA 1 
ATOM 393 C CA . GLN B 1 128 ? -3.487  6.818   2.489   1.00 12.40 ? 128 GLN B CA 1 
ATOM 394 C CA . GLU B 1 129 ? -1.523  9.325   4.653   1.00 14.40 ? 129 GLU B CA 1 
ATOM 395 C CA . GLN B 1 130 ? -3.826  8.364   7.625   1.00 9.60  ? 130 GLN B CA 1 
ATOM 396 C CA . LEU B 1 131 ? -2.583  4.805   7.202   1.00 7.60  ? 131 LEU B CA 1 
ATOM 397 C CA . THR B 1 132 ? 1.016   6.154   7.093   1.00 14.40 ? 132 THR B CA 1 
ATOM 398 C CA . ALA B 1 133 ? 0.627   7.663   10.561  1.00 20.80 ? 133 ALA B CA 1 
ATOM 399 C CA . HIS B 1 134 ? -1.471  4.723   12.005  1.00 23.70 ? 134 HIS B CA 1 
ATOM 400 C CA . PRO B 1 135 ? -0.436  1.563   10.121  1.00 24.60 ? 135 PRO B CA 1 
ATOM 401 C CA . THR B 1 136 ? -2.107  -0.862  12.611  1.00 18.80 ? 136 THR B CA 1 
ATOM 402 C CA . TYR B 1 137 ? -5.534  0.658   12.066  1.00 12.90 ? 137 TYR B CA 1 
ATOM 403 C CA . LYS B 1 138 ? -8.190  -0.964  9.861   1.00 14.30 ? 138 LYS B CA 1 
ATOM 404 C CA . VAL B 1 139 ? -9.873  0.919   7.023   1.00 7.40  ? 139 VAL B CA 1 
ATOM 405 C CA . ILE B 1 140 ? -13.658 0.175   6.700   1.00 8.40  ? 140 ILE B CA 1 
ATOM 406 C CA . VAL B 1 141 ? -15.553 1.589   3.553   1.00 8.60  ? 141 VAL B CA 1 
ATOM 407 C CA . THR B 1 142 ? -19.373 2.163   3.787   1.00 10.80 ? 142 THR B CA 1 
ATOM 408 C CA . GLY B 1 143 ? -22.437 3.975   2.741   1.00 9.00  ? 143 GLY B CA 1 
ATOM 409 C CA . HIS B 1 144 ? -26.161 3.856   2.136   1.00 8.00  ? 144 HIS B CA 1 
ATOM 410 C CA . SER B 1 145 ? -27.942 3.564   -1.119  1.00 11.10 ? 145 SER B CA 1 
ATOM 411 C CA . LEU B 1 146 ? -25.823 5.179   -3.808  1.00 8.20  ? 146 LEU B CA 1 
ATOM 412 C CA . GLY B 1 147 ? -23.234 6.006   -1.168  1.00 7.20  ? 147 GLY B CA 1 
ATOM 413 C CA . GLY B 1 148 ? -22.948 2.128   -1.172  1.00 7.70  ? 148 GLY B CA 1 
ATOM 414 C CA . ALA B 1 149 ? -22.154 2.100   -4.935  1.00 7.40  ? 149 ALA B CA 1 
ATOM 415 C CA . GLN B 1 150 ? -19.102 4.379   -4.160  1.00 9.00  ? 150 GLN B CA 1 
ATOM 416 C CA . ALA B 1 151 ? -18.086 2.337   -1.109  1.00 5.60  ? 151 ALA B CA 1 
ATOM 417 C CA . LEU B 1 152 ? -17.659 -0.555  -3.540  1.00 4.40  ? 152 LEU B CA 1 
ATOM 418 C CA . LEU B 1 153 ? -15.655 1.557   -6.043  1.00 6.80  ? 153 LEU B CA 1 
ATOM 419 C CA . ALA B 1 154 ? -13.619 3.133   -3.227  1.00 4.00  ? 154 ALA B CA 1 
ATOM 420 C CA . GLY B 1 155 ? -13.133 -0.277  -1.586  1.00 8.70  ? 155 GLY B CA 1 
ATOM 421 C CA . MET B 1 156 ? -11.920 -1.827  -4.915  1.00 10.40 ? 156 MET B CA 1 
ATOM 422 C CA . ASP B 1 157 ? -9.911  1.304   -5.839  1.00 13.60 ? 157 ASP B CA 1 
ATOM 423 C CA . LEU B 1 158 ? -8.246  1.454   -2.434  1.00 8.10  ? 158 LEU B CA 1 
ATOM 424 C CA . TYR B 1 159 ? -7.359  -2.320  -3.062  1.00 7.80  ? 159 TYR B CA 1 
ATOM 425 C CA . GLN B 1 160 ? -5.690  -1.887  -6.448  1.00 11.60 ? 160 GLN B CA 1 
ATOM 426 C CA . ARG B 1 161 ? -3.721  1.320   -5.785  1.00 11.00 ? 161 ARG B CA 1 
ATOM 427 C CA . GLU B 1 162 ? -2.669  1.136   -2.074  1.00 14.30 ? 162 GLU B CA 1 
ATOM 428 C CA . PRO B 1 163 ? -0.124  -1.630  -1.551  1.00 11.00 ? 163 PRO B CA 1 
ATOM 429 C CA . ARG B 1 164 ? -0.810  -1.767  2.235   1.00 11.20 ? 164 ARG B CA 1 
ATOM 430 C CA . LEU B 1 165 ? -4.497  -2.712  2.268   1.00 6.90  ? 165 LEU B CA 1 
ATOM 431 C CA . SER B 1 166 ? -5.489  -6.317  1.914   1.00 7.70  ? 166 SER B CA 1 
ATOM 432 C CA . PRO B 1 167 ? -8.502  -8.235  3.311   1.00 15.10 ? 167 PRO B CA 1 
ATOM 433 C CA . LYS B 1 168 ? -6.605  -8.392  6.625   1.00 19.50 ? 168 LYS B CA 1 
ATOM 434 C CA . ASN B 1 169 ? -7.384  -4.662  6.874   1.00 15.40 ? 169 ASN B CA 1 
ATOM 435 C CA . LEU B 1 170 ? -9.996  -3.140  4.459   1.00 10.90 ? 170 LEU B CA 1 
ATOM 436 C CA . SER B 1 171 ? -13.651 -4.235  4.482   1.00 6.10  ? 171 SER B CA 1 
ATOM 437 C CA . ILE B 1 172 ? -16.721 -2.944  2.799   1.00 2.00  ? 172 ILE B CA 1 
ATOM 438 C CA . PHE B 1 173 ? -20.197 -2.686  4.352   1.00 5.90  ? 173 PHE B CA 1 
ATOM 439 C CA . THR B 1 174 ? -23.328 -1.411  2.481   1.00 8.40  ? 174 THR B CA 1 
ATOM 440 C CA . VAL B 1 175 ? -26.927 -0.645  3.511   1.00 5.10  ? 175 VAL B CA 1 
ATOM 441 C CA . GLY B 1 176 ? -29.396 -0.882  0.628   1.00 9.10  ? 176 GLY B CA 1 
ATOM 442 C CA . GLY B 1 177 ? -26.977 -0.227  -2.246  1.00 10.50 ? 177 GLY B CA 1 
ATOM 443 C CA . PRO B 1 178 ? -27.319 -0.811  -5.983  1.00 7.60  ? 178 PRO B CA 1 
ATOM 444 C CA . ARG B 1 179 ? -25.860 -3.224  -8.486  1.00 5.60  ? 179 ARG B CA 1 
ATOM 445 C CA . VAL B 1 180 ? -22.797 -1.460  -9.977  1.00 3.40  ? 180 VAL B CA 1 
ATOM 446 C CA . GLY B 1 181 ? -21.273 -3.887  -12.434 1.00 11.00 ? 181 GLY B CA 1 
ATOM 447 C CA . ASN B 1 182 ? -21.593 -6.935  -14.625 1.00 16.20 ? 182 ASN B CA 1 
ATOM 448 C CA . PRO B 1 183 ? -20.717 -10.607 -13.977 1.00 17.80 ? 183 PRO B CA 1 
ATOM 449 C CA . THR B 1 184 ? -17.051 -10.020 -14.807 1.00 20.00 ? 184 THR B CA 1 
ATOM 450 C CA . PHE B 1 185 ? -16.945 -7.062  -12.352 1.00 17.00 ? 185 PHE B CA 1 
ATOM 451 C CA . ALA B 1 186 ? -18.835 -8.992  -9.560  1.00 12.40 ? 186 ALA B CA 1 
ATOM 452 C CA . TYR B 1 187 ? -16.459 -11.973 -10.166 1.00 16.90 ? 187 TYR B CA 1 
ATOM 453 C CA . TYR B 1 188 ? -13.433 -9.685  -9.997  1.00 19.10 ? 188 TYR B CA 1 
ATOM 454 C CA . VAL B 1 189 ? -14.892 -8.277  -6.810  1.00 15.90 ? 189 VAL B CA 1 
ATOM 455 C CA . GLU B 1 190 ? -15.433 -11.838 -5.310  1.00 22.20 ? 190 GLU B CA 1 
ATOM 456 C CA . SER B 1 191 ? -11.828 -13.099 -6.146  1.00 18.10 ? 191 SER B CA 1 
ATOM 457 C CA . THR B 1 192 ? -9.976  -10.079 -4.731  1.00 11.70 ? 192 THR B CA 1 
ATOM 458 C CA . GLY B 1 193 ? -10.709 -11.437 -1.214  1.00 12.40 ? 193 GLY B CA 1 
ATOM 459 C CA . ILE B 1 194 ? -11.789 -8.213  0.515   1.00 8.10  ? 194 ILE B CA 1 
ATOM 460 C CA . PRO B 1 195 ? -14.861 -8.847  2.648   1.00 9.90  ? 195 PRO B CA 1 
ATOM 461 C CA . PHE B 1 196 ? -18.147 -7.325  1.338   1.00 8.80  ? 196 PHE B CA 1 
ATOM 462 C CA . GLN B 1 197 ? -21.470 -7.385  3.103   1.00 6.10  ? 197 GLN B CA 1 
ATOM 463 C CA . ARG B 1 198 ? -24.687 -6.246  1.502   1.00 6.10  ? 198 ARG B CA 1 
ATOM 464 C CA . THR B 1 199 ? -27.585 -5.455  3.897   1.00 9.10  ? 199 THR B CA 1 
ATOM 465 C CA . VAL B 1 200 ? -30.992 -5.525  2.454   1.00 4.60  ? 200 VAL B CA 1 
ATOM 466 C CA . HIS B 1 201 ? -34.017 -4.453  4.411   1.00 3.40  ? 201 HIS B CA 1 
ATOM 467 C CA . LYS B 1 202 ? -37.118 -6.422  3.695   1.00 6.70  ? 202 LYS B CA 1 
ATOM 468 C CA . ARG B 1 203 ? -38.566 -5.206  0.335   1.00 9.00  ? 203 ARG B CA 1 
ATOM 469 C CA . ASP B 1 204 ? -36.181 -2.264  -0.311  1.00 8.70  ? 204 ASP B CA 1 
ATOM 470 C CA . ILE B 1 205 ? -36.231 -1.662  -4.073  1.00 8.60  ? 205 ILE B CA 1 
ATOM 471 C CA . VAL B 1 206 ? -32.794 -0.101  -4.189  1.00 8.30  ? 206 VAL B CA 1 
ATOM 472 C CA . PRO B 1 207 ? -30.791 -3.331  -3.961  1.00 4.80  ? 207 PRO B CA 1 
ATOM 473 C CA . HIS B 1 208 ? -32.710 -4.597  -7.028  1.00 6.30  ? 208 HIS B CA 1 
ATOM 474 C CA . VAL B 1 209 ? -31.778 -1.900  -9.566  1.00 12.20 ? 209 VAL B CA 1 
ATOM 475 C CA . PRO B 1 210 ? -30.334 -1.484  -12.200 1.00 16.80 ? 210 PRO B CA 1 
ATOM 476 C CA . PRO B 1 211 ? -32.173 -4.687  -12.776 1.00 18.20 ? 211 PRO B CA 1 
ATOM 477 C CA . GLN B 1 212 ? -30.170 -7.842  -13.344 1.00 21.90 ? 212 GLN B CA 1 
ATOM 478 C CA . SER B 1 213 ? -31.867 -8.221  -16.852 1.00 25.10 ? 213 SER B CA 1 
ATOM 479 C CA . PHE B 1 214 ? -29.246 -5.563  -17.864 1.00 20.60 ? 214 PHE B CA 1 
ATOM 480 C CA . GLY B 1 215 ? -26.071 -7.646  -17.350 1.00 20.70 ? 215 GLY B CA 1 
ATOM 481 C CA . PHE B 1 216 ? -25.754 -6.409  -13.805 1.00 18.80 ? 216 PHE B CA 1 
ATOM 482 C CA . LEU B 1 217 ? -24.923 -8.588  -10.845 1.00 14.90 ? 217 LEU B CA 1 
ATOM 483 C CA . HIS B 1 218 ? -23.718 -7.976  -7.315  1.00 17.70 ? 218 HIS B CA 1 
ATOM 484 C CA . PRO B 1 219 ? -20.704 -9.545  -5.501  1.00 16.70 ? 219 PRO B CA 1 
ATOM 485 C CA . GLY B 1 220 ? -20.469 -10.055 -1.655  1.00 15.90 ? 220 GLY B CA 1 
ATOM 486 C CA . VAL B 1 221 ? -22.748 -11.931 0.769   1.00 9.00  ? 221 VAL B CA 1 
ATOM 487 C CA . GLU B 1 222 ? -26.409 -10.780 1.029   1.00 5.80  ? 222 GLU B CA 1 
ATOM 488 C CA . SER B 1 223 ? -27.779 -9.947  4.563   1.00 5.20  ? 223 SER B CA 1 
ATOM 489 C CA . TRP B 1 224 ? -31.560 -9.894  4.503   1.00 5.50  ? 224 TRP B CA 1 
ATOM 490 C CA . ILE B 1 225 ? -33.453 -8.251  7.266   1.00 9.50  ? 225 ILE B CA 1 
ATOM 491 C CA . LYS B 1 226 ? -36.593 -10.313 7.100   1.00 15.20 ? 226 LYS B CA 1 
ATOM 492 C CA . SER B 1 227 ? -38.220 -8.719  10.094  1.00 23.90 ? 227 SER B CA 1 
ATOM 493 C CA . GLY B 1 228 ? -37.576 -6.429  12.925  1.00 22.10 ? 228 GLY B CA 1 
ATOM 494 C CA . THR B 1 229 ? -34.007 -5.483  13.264  1.00 21.60 ? 229 THR B CA 1 
ATOM 495 C CA . SER B 1 230 ? -33.169 -8.928  14.622  1.00 19.80 ? 230 SER B CA 1 
ATOM 496 C CA . ASN B 1 231 ? -34.697 -11.169 11.933  1.00 15.00 ? 231 ASN B CA 1 
ATOM 497 C CA . VAL B 1 232 ? -31.775 -11.454 9.540   1.00 10.60 ? 232 VAL B CA 1 
ATOM 498 C CA . GLN B 1 233 ? -31.149 -14.229 7.092   1.00 11.60 ? 233 GLN B CA 1 
ATOM 499 C CA . ILE B 1 234 ? -27.841 -14.441 5.255   1.00 14.20 ? 234 ILE B CA 1 
ATOM 500 C CA . CYS B 1 235 ? -27.153 -15.916 1.850   1.00 9.60  ? 235 CYS B CA 1 
ATOM 501 C CA . THR B 1 236 ? -23.508 -16.489 2.204   1.00 12.50 ? 236 THR B CA 1 
ATOM 502 C CA . SER B 1 237 ? -22.509 -17.457 -1.359  1.00 11.80 ? 237 SER B CA 1 
ATOM 503 C CA . GLU B 1 238 ? -20.232 -14.542 -2.451  1.00 14.80 ? 238 GLU B CA 1 
ATOM 504 C CA . ILE B 1 239 ? -22.158 -13.768 -5.815  1.00 12.00 ? 239 ILE B CA 1 
ATOM 505 C CA . GLU B 1 240 ? -25.910 -12.991 -5.483  1.00 12.20 ? 240 GLU B CA 1 
ATOM 506 C CA . THR B 1 241 ? -28.627 -15.648 -5.502  1.00 11.50 ? 241 THR B CA 1 
ATOM 507 C CA . LYS B 1 242 ? -32.427 -15.949 -5.579  1.00 12.00 ? 242 LYS B CA 1 
ATOM 508 C CA . ASP B 1 243 ? -32.642 -17.266 -2.030  1.00 9.10  ? 243 ASP B CA 1 
ATOM 509 C CA . CYS B 1 244 ? -32.435 -13.878 -0.194  1.00 7.20  ? 244 CYS B CA 1 
ATOM 510 C CA . SER B 1 245 ? -34.050 -10.501 -1.189  1.00 10.60 ? 245 SER B CA 1 
ATOM 511 C CA . ASN B 1 246 ? -34.327 -11.703 -4.826  1.00 11.80 ? 246 ASN B CA 1 
ATOM 512 C CA . SER B 1 247 ? -37.237 -14.019 -3.833  1.00 9.70  ? 247 SER B CA 1 
ATOM 513 C CA . ILE B 1 248 ? -39.964 -11.230 -3.523  1.00 7.50  ? 248 ILE B CA 1 
ATOM 514 C CA . VAL B 1 249 ? -39.247 -9.412  -6.684  1.00 6.70  ? 249 VAL B CA 1 
ATOM 515 C CA . PRO B 1 250 ? -41.166 -7.587  -8.072  1.00 6.90  ? 250 PRO B CA 1 
ATOM 516 C CA . PHE B 1 251 ? -42.798 -6.508  -4.761  1.00 5.70  ? 251 PHE B CA 1 
ATOM 517 C CA . THR B 1 252 ? -40.340 -3.847  -3.586  1.00 6.90  ? 252 THR B CA 1 
ATOM 518 C CA . SER B 1 253 ? -40.904 -0.628  -1.696  1.00 13.50 ? 253 SER B CA 1 
ATOM 519 C CA . ILE B 1 254 ? -38.702 2.433   -1.773  1.00 24.00 ? 254 ILE B CA 1 
ATOM 520 C CA . LEU B 1 255 ? -40.125 3.162   1.725   1.00 21.20 ? 255 LEU B CA 1 
ATOM 521 C CA . ASP B 1 256 ? -38.190 0.205   3.224   1.00 13.80 ? 256 ASP B CA 1 
ATOM 522 C CA . HIS B 1 257 ? -35.098 1.996   1.759   1.00 13.80 ? 257 HIS B CA 1 
ATOM 523 C CA . LEU B 1 258 ? -35.376 4.528   4.566   1.00 11.10 ? 258 LEU B CA 1 
ATOM 524 C CA . SER B 1 259 ? -34.783 2.438   7.760   1.00 9.80  ? 259 SER B CA 1 
ATOM 525 C CA . TYR B 1 260 ? -31.919 0.158   8.103   1.00 10.10 ? 260 TYR B CA 1 
ATOM 526 C CA . PHE B 1 261 ? -31.789 -1.701  11.499  1.00 12.80 ? 261 PHE B CA 1 
ATOM 527 C CA . ASP B 1 262 ? -34.461 0.605   12.251  1.00 20.70 ? 262 ASP B CA 1 
ATOM 528 C CA . ILE B 1 263 ? -32.198 3.619   12.019  1.00 12.50 ? 263 ILE B CA 1 
ATOM 529 C CA . ASN B 1 264 ? -33.451 6.171   9.501   1.00 12.00 ? 264 ASN B CA 1 
ATOM 530 C CA . GLU B 1 265 ? -31.324 6.104   6.368   1.00 11.00 ? 265 GLU B CA 1 
ATOM 531 C CA . GLY B 1 266 ? -32.450 9.049   4.278   1.00 13.00 ? 266 GLY B CA 1 
ATOM 532 C CA . SER B 1 267 ? -32.048 11.872  6.708   1.00 25.70 ? 267 SER B CA 1 
ATOM 533 C CA . CYS B 1 268 ? -30.312 12.530  10.001  1.00 28.60 ? 268 CYS B CA 1 
ATOM 534 C CA . LEU B 1 269 ? -33.699 11.490  11.386  1.00 31.40 ? 269 LEU B CA 1 
# 
